data_1KBU
#
_entry.id   1KBU
#
_cell.length_a   107.170
_cell.length_b   121.600
_cell.length_c   179.310
_cell.angle_alpha   90.00
_cell.angle_beta   90.00
_cell.angle_gamma   90.00
#
_symmetry.space_group_name_H-M   'C 2 2 21'
#
loop_
_entity.id
_entity.type
_entity.pdbx_description
1 polymer LOXP
2 polymer LOXP
3 polymer 'CRE RECOMBINASE'
4 water water
#
loop_
_entity_poly.entity_id
_entity_poly.type
_entity_poly.pdbx_seq_one_letter_code
_entity_poly.pdbx_strand_id
1 'polydeoxyribonucleotide'
;(DA)(DT)(DA)(DA)(DG)(DT)(DT)(DC)(DG)(DT)(DA)(DT)(DA)(DA)(DT)(DG)(DT)(DA)(DT)(DG)
(DC)(DT)(DA)(DT)(DA)(DC)(DG)(DA)(DA)(DG)(DT)(DT)(DA)(DT)
;
C
2 'polydeoxyribonucleotide'
;(DA)(DT)(DA)(DA)(DC)(DT)(DT)(DC)(DG)(DT)(DA)(DT)(DA)(DG)(DC)(DA)(DT)(DA)(DC)(DA)
(DT)(DT)(DA)(DT)(DA)(DC)(DG)(DA)(DA)(DC)(DT)(DT)(DA)(DT)
;
D
3 'polypeptide(L)'
;MHHHHHHSNLLTVHQNLPALPVDATSDEVRKNLMDMFRDRQAFSEHTWKMLLSVCRSWAAWCKLNNRKWFPAEPEDVRDY
LLYLQARGLAVKTIQQHLGQLNMLHRRSGLPRPSDSNAVSLVMRRIRKENVDAGERAKQALAFERTDFDQVRSLMENSDR
CQDIRNLAFLGIAYNTLLRIAEIARIRVKDISRTDGGRMLIHIGRTKTLVSTAGVEKALSLGVTKLVERWISVSGVADDP
NNYLFCRVRKNGVAAPSATSQLSTRALEGIFEATHRLIYGAKDDSGQRYLAWSGHSARVGAARDMARAGVSIPEIMQAGG
WTNVNIVMNYIRNLDSETGAMVRLLEDGD
;
A,B
#
# COMPACT_ATOMS: atom_id res chain seq x y z
N ALA C 24 -1.72 19.77 -32.50
CA ALA C 24 -2.30 18.48 -32.14
C ALA C 24 -3.79 18.46 -32.43
N THR C 25 -4.22 19.32 -33.36
CA THR C 25 -5.62 19.45 -33.75
C THR C 25 -6.66 19.77 -32.68
N SER C 26 -7.30 20.92 -32.82
CA SER C 26 -8.26 21.37 -31.84
C SER C 26 -9.42 20.42 -31.61
N ASP C 27 -9.67 19.50 -32.53
CA ASP C 27 -10.78 18.56 -32.36
C ASP C 27 -10.31 17.45 -31.42
N GLU C 28 -9.03 17.12 -31.52
CA GLU C 28 -8.44 16.09 -30.67
C GLU C 28 -8.41 16.64 -29.25
N VAL C 29 -7.95 17.89 -29.16
CA VAL C 29 -7.85 18.60 -27.88
C VAL C 29 -9.22 18.67 -27.21
N ARG C 30 -10.23 19.11 -27.94
CA ARG C 30 -11.59 19.22 -27.41
C ARG C 30 -12.09 17.86 -26.92
N LYS C 31 -11.70 16.79 -27.60
CA LYS C 31 -12.09 15.44 -27.20
C LYS C 31 -11.33 15.08 -25.90
N ASN C 32 -10.04 15.40 -25.87
CA ASN C 32 -9.19 15.18 -24.70
C ASN C 32 -9.72 15.93 -23.47
N LEU C 33 -10.11 17.20 -23.62
CA LEU C 33 -10.66 17.98 -22.50
C LEU C 33 -12.00 17.45 -22.00
N MET C 34 -12.85 16.93 -22.90
CA MET C 34 -14.13 16.33 -22.47
C MET C 34 -13.82 15.00 -21.72
N ASP C 35 -12.78 14.30 -22.17
CA ASP C 35 -12.34 13.05 -21.55
C ASP C 35 -12.01 13.41 -20.09
N MET C 36 -11.23 14.48 -19.91
CA MET C 36 -10.80 14.96 -18.60
C MET C 36 -11.98 15.29 -17.68
N PHE C 37 -12.97 16.00 -18.21
CA PHE C 37 -14.10 16.37 -17.39
C PHE C 37 -15.03 15.21 -17.08
N ARG C 38 -15.12 14.28 -18.02
CA ARG C 38 -16.01 13.13 -17.89
C ARG C 38 -15.53 12.20 -16.79
N ASP C 39 -14.22 12.04 -16.72
CA ASP C 39 -13.61 11.20 -15.71
C ASP C 39 -12.77 12.09 -14.80
N ARG C 40 -13.40 13.15 -14.29
CA ARG C 40 -12.71 14.06 -13.38
C ARG C 40 -12.49 13.41 -12.02
N GLN C 41 -13.34 12.44 -11.70
CA GLN C 41 -13.26 11.66 -10.47
C GLN C 41 -12.04 10.75 -10.48
N ALA C 42 -11.16 10.98 -11.43
CA ALA C 42 -9.94 10.21 -11.58
C ALA C 42 -8.91 10.83 -10.63
N PHE C 43 -9.19 12.08 -10.26
CA PHE C 43 -8.34 12.84 -9.36
C PHE C 43 -9.08 13.31 -8.12
N SER C 44 -8.28 13.65 -7.12
CA SER C 44 -8.80 14.14 -5.87
C SER C 44 -9.23 15.58 -6.20
N GLU C 45 -10.20 16.10 -5.46
CA GLU C 45 -10.65 17.45 -5.67
C GLU C 45 -9.55 18.43 -5.25
N HIS C 46 -8.63 18.01 -4.38
CA HIS C 46 -7.51 18.85 -3.97
C HIS C 46 -6.62 19.08 -5.18
N THR C 47 -6.47 18.02 -5.98
CA THR C 47 -5.63 18.02 -7.17
C THR C 47 -6.18 18.98 -8.20
N TRP C 48 -7.48 18.90 -8.40
CA TRP C 48 -8.19 19.78 -9.33
C TRP C 48 -8.03 21.22 -8.89
N LYS C 49 -8.19 21.43 -7.59
CA LYS C 49 -8.03 22.75 -6.99
C LYS C 49 -6.66 23.32 -7.35
N MET C 50 -5.62 22.51 -7.15
CA MET C 50 -4.29 22.98 -7.52
C MET C 50 -4.15 23.23 -9.03
N LEU C 51 -4.69 22.33 -9.85
CA LEU C 51 -4.65 22.52 -11.30
C LEU C 51 -5.30 23.85 -11.68
N LEU C 52 -6.54 24.04 -11.24
CA LEU C 52 -7.24 25.28 -11.54
C LEU C 52 -6.42 26.51 -11.12
N SER C 53 -5.87 26.44 -9.92
CA SER C 53 -5.08 27.53 -9.36
C SER C 53 -3.88 27.87 -10.25
N VAL C 54 -3.14 26.86 -10.69
CA VAL C 54 -1.96 27.13 -11.52
C VAL C 54 -2.32 27.77 -12.86
N CYS C 55 -3.42 27.30 -13.42
CA CYS C 55 -3.93 27.79 -14.71
C CYS C 55 -4.31 29.26 -14.59
N ARG C 56 -5.05 29.58 -13.52
CA ARG C 56 -5.46 30.96 -13.29
C ARG C 56 -4.22 31.84 -13.22
N SER C 57 -3.23 31.39 -12.48
CA SER C 57 -2.00 32.16 -12.34
C SER C 57 -1.27 32.29 -13.68
N TRP C 58 -1.19 31.16 -14.40
CA TRP C 58 -0.53 31.13 -15.69
C TRP C 58 -1.27 32.01 -16.72
N ALA C 59 -2.61 31.95 -16.74
CA ALA C 59 -3.48 32.71 -17.64
C ALA C 59 -3.37 34.22 -17.45
N ALA C 60 -3.38 34.64 -16.19
CA ALA C 60 -3.31 36.04 -15.81
C ALA C 60 -1.99 36.72 -16.18
N TRP C 61 -0.92 35.92 -16.05
CA TRP C 61 0.45 36.32 -16.37
C TRP C 61 0.65 36.37 -17.87
N CYS C 62 -0.04 35.50 -18.58
CA CYS C 62 0.03 35.48 -20.02
C CYS C 62 -0.67 36.71 -20.57
N LYS C 63 -1.81 37.05 -19.95
CA LYS C 63 -2.62 38.21 -20.34
C LYS C 63 -1.72 39.41 -20.14
N LEU C 64 -1.39 39.61 -18.87
CA LEU C 64 -0.51 40.65 -18.41
C LEU C 64 0.70 40.80 -19.33
N ASN C 65 1.35 39.68 -19.67
CA ASN C 65 2.53 39.77 -20.51
C ASN C 65 2.30 39.61 -22.00
N ASN C 66 1.03 39.52 -22.39
CA ASN C 66 0.66 39.40 -23.81
C ASN C 66 1.18 38.11 -24.46
N ARG C 67 0.89 36.97 -23.83
CA ARG C 67 1.28 35.66 -24.37
C ARG C 67 0.03 34.80 -24.43
N LYS C 68 0.09 33.73 -25.22
CA LYS C 68 -1.04 32.81 -25.34
C LYS C 68 -0.90 31.73 -24.26
N TRP C 69 -1.98 31.43 -23.57
CA TRP C 69 -1.85 30.46 -22.49
C TRP C 69 -2.16 29.00 -22.82
N PHE C 70 -2.70 28.75 -24.01
CA PHE C 70 -3.02 27.39 -24.44
C PHE C 70 -3.02 27.26 -25.96
N PRO C 71 -2.09 26.49 -26.52
CA PRO C 71 -1.10 25.75 -25.76
C PRO C 71 0.05 26.62 -25.32
N ALA C 72 0.75 26.19 -24.29
CA ALA C 72 1.89 26.94 -23.75
C ALA C 72 3.18 26.79 -24.56
N GLU C 73 3.81 27.91 -24.91
CA GLU C 73 5.05 27.87 -25.66
C GLU C 73 6.21 27.81 -24.66
N PRO C 74 7.20 26.97 -24.95
CA PRO C 74 8.36 26.84 -24.10
C PRO C 74 9.00 28.15 -23.67
N GLU C 75 9.28 29.06 -24.60
CA GLU C 75 9.91 30.30 -24.17
C GLU C 75 9.03 31.04 -23.17
N ASP C 76 7.72 30.95 -23.36
CA ASP C 76 6.74 31.64 -22.52
C ASP C 76 6.67 30.99 -21.17
N VAL C 77 6.74 29.67 -21.14
CA VAL C 77 6.69 28.96 -19.87
C VAL C 77 7.99 29.22 -19.11
N ARG C 78 9.09 29.39 -19.84
CA ARG C 78 10.37 29.63 -19.20
C ARG C 78 10.38 31.01 -18.54
N ASP C 79 9.78 31.97 -19.22
CA ASP C 79 9.69 33.33 -18.70
C ASP C 79 8.82 33.35 -17.45
N TYR C 80 7.82 32.48 -17.41
CA TYR C 80 6.90 32.38 -16.28
C TYR C 80 7.56 31.72 -15.08
N LEU C 81 8.39 30.71 -15.32
CA LEU C 81 9.07 30.03 -14.22
C LEU C 81 10.06 30.97 -13.59
N LEU C 82 10.63 31.88 -14.39
CA LEU C 82 11.58 32.84 -13.85
C LEU C 82 10.80 33.88 -13.04
N TYR C 83 9.62 34.21 -13.53
CA TYR C 83 8.74 35.18 -12.89
C TYR C 83 8.37 34.62 -11.52
N LEU C 84 8.10 33.32 -11.46
CA LEU C 84 7.77 32.65 -10.21
C LEU C 84 8.95 32.67 -9.23
N GLN C 85 10.16 32.49 -9.76
CA GLN C 85 11.36 32.52 -8.91
C GLN C 85 11.62 33.92 -8.38
N ALA C 86 11.49 34.91 -9.27
CA ALA C 86 11.69 36.30 -8.93
C ALA C 86 10.68 36.68 -7.86
N ARG C 87 9.57 35.95 -7.85
CA ARG C 87 8.53 36.22 -6.88
C ARG C 87 8.95 35.65 -5.53
N GLY C 88 10.09 34.95 -5.49
CA GLY C 88 10.54 34.36 -4.24
C GLY C 88 9.75 33.11 -3.85
N LEU C 89 9.24 32.37 -4.82
CA LEU C 89 8.51 31.15 -4.47
C LEU C 89 9.49 30.00 -4.30
N ALA C 90 9.09 28.98 -3.54
CA ALA C 90 9.93 27.83 -3.29
C ALA C 90 10.18 26.95 -4.52
N VAL C 91 11.39 26.43 -4.65
CA VAL C 91 11.66 25.55 -5.78
C VAL C 91 10.61 24.46 -5.95
N LYS C 92 9.98 24.06 -4.85
CA LYS C 92 8.98 23.00 -4.91
C LYS C 92 7.66 23.57 -5.38
N THR C 93 7.52 24.88 -5.30
CA THR C 93 6.29 25.51 -5.73
C THR C 93 6.38 25.72 -7.23
N ILE C 94 7.55 26.16 -7.70
CA ILE C 94 7.73 26.34 -9.14
C ILE C 94 7.53 24.98 -9.80
N GLN C 95 7.96 23.93 -9.12
CA GLN C 95 7.78 22.57 -9.60
C GLN C 95 6.29 22.28 -9.80
N GLN C 96 5.48 22.57 -8.78
CA GLN C 96 4.04 22.33 -8.87
C GLN C 96 3.44 23.01 -10.10
N HIS C 97 3.85 24.24 -10.37
CA HIS C 97 3.32 24.95 -11.51
C HIS C 97 3.66 24.24 -12.81
N LEU C 98 4.95 24.12 -13.11
CA LEU C 98 5.42 23.43 -14.31
C LEU C 98 4.69 22.09 -14.36
N GLY C 99 4.64 21.45 -13.20
CA GLY C 99 3.99 20.15 -13.07
C GLY C 99 2.56 20.14 -13.55
N GLN C 100 1.72 21.03 -13.03
CA GLN C 100 0.32 21.03 -13.44
C GLN C 100 0.22 21.39 -14.93
N LEU C 101 1.02 22.36 -15.39
CA LEU C 101 1.03 22.73 -16.80
C LEU C 101 1.35 21.51 -17.64
N ASN C 102 2.42 20.81 -17.26
CA ASN C 102 2.84 19.60 -17.96
C ASN C 102 1.69 18.60 -18.06
N MET C 103 0.87 18.50 -17.03
CA MET C 103 -0.27 17.57 -17.03
C MET C 103 -1.39 18.10 -17.92
N LEU C 104 -1.71 19.38 -17.78
CA LEU C 104 -2.74 19.97 -18.59
C LEU C 104 -2.44 19.65 -20.06
N HIS C 105 -1.19 19.76 -20.48
CA HIS C 105 -0.84 19.51 -21.87
C HIS C 105 -0.70 18.03 -22.24
N ARG C 106 -0.26 17.23 -21.27
CA ARG C 106 -0.04 15.81 -21.45
C ARG C 106 -1.39 15.10 -21.64
N ARG C 107 -2.36 15.57 -20.86
CA ARG C 107 -3.73 15.04 -20.86
C ARG C 107 -4.62 15.81 -21.79
N SER C 108 -4.02 16.53 -22.72
CA SER C 108 -4.85 17.22 -23.69
C SER C 108 -4.31 16.84 -25.08
N GLY C 109 -3.12 16.24 -25.11
CA GLY C 109 -2.56 15.76 -26.37
C GLY C 109 -1.46 16.64 -26.93
N LEU C 110 -1.17 17.72 -26.24
CA LEU C 110 -0.13 18.64 -26.69
C LEU C 110 1.23 18.30 -26.05
N PRO C 111 2.32 18.76 -26.65
CA PRO C 111 3.60 18.46 -26.06
C PRO C 111 3.74 19.20 -24.71
N ARG C 112 4.35 18.53 -23.74
CA ARG C 112 4.57 19.14 -22.44
C ARG C 112 5.68 20.16 -22.55
N PRO C 113 5.61 21.17 -21.69
CA PRO C 113 6.63 22.22 -21.67
C PRO C 113 7.96 21.65 -21.16
N SER C 114 7.88 20.69 -20.25
CA SER C 114 9.06 20.07 -19.68
C SER C 114 9.86 19.34 -20.76
N ASP C 115 9.23 19.16 -21.91
CA ASP C 115 9.89 18.48 -23.01
C ASP C 115 10.70 19.42 -23.87
N SER C 116 10.83 20.67 -23.44
CA SER C 116 11.62 21.62 -24.20
C SER C 116 12.93 21.97 -23.49
N ASN C 117 14.02 21.90 -24.24
CA ASN C 117 15.35 22.23 -23.73
C ASN C 117 15.29 23.47 -22.83
N ALA C 118 14.81 24.59 -23.36
CA ALA C 118 14.71 25.82 -22.57
C ALA C 118 13.98 25.68 -21.24
N VAL C 119 12.91 24.89 -21.20
CA VAL C 119 12.18 24.71 -19.94
C VAL C 119 12.92 23.79 -18.98
N SER C 120 13.59 22.77 -19.53
CA SER C 120 14.37 21.83 -18.74
C SER C 120 15.58 22.52 -18.12
N LEU C 121 16.29 23.29 -18.95
CA LEU C 121 17.47 24.03 -18.51
C LEU C 121 17.16 25.05 -17.42
N VAL C 122 16.11 25.85 -17.62
CA VAL C 122 15.76 26.87 -16.64
C VAL C 122 15.36 26.34 -15.26
N MET C 123 14.62 25.23 -15.24
CA MET C 123 14.18 24.57 -14.01
C MET C 123 15.43 24.13 -13.23
N ARG C 124 16.39 23.56 -13.96
CA ARG C 124 17.67 23.13 -13.41
C ARG C 124 18.41 24.29 -12.78
N ARG C 125 18.62 25.34 -13.56
CA ARG C 125 19.33 26.51 -13.07
C ARG C 125 18.65 27.06 -11.82
N ILE C 126 17.36 27.35 -11.97
CA ILE C 126 16.49 27.89 -10.93
C ILE C 126 16.61 27.06 -9.66
N ARG C 127 16.57 25.74 -9.84
CA ARG C 127 16.72 24.84 -8.71
C ARG C 127 18.10 25.09 -8.10
N LYS C 128 19.14 25.11 -8.94
CA LYS C 128 20.52 25.34 -8.52
C LYS C 128 20.68 26.67 -7.81
N GLU C 129 20.12 27.73 -8.39
CA GLU C 129 20.21 29.08 -7.81
C GLU C 129 19.56 29.19 -6.43
N ASN C 130 18.44 28.51 -6.24
CA ASN C 130 17.66 28.56 -5.00
C ASN C 130 18.28 27.85 -3.79
N VAL C 131 18.71 26.62 -4.04
CA VAL C 131 19.38 25.79 -3.05
C VAL C 131 20.56 26.60 -2.43
N ASP C 132 21.15 27.49 -3.23
CA ASP C 132 22.31 28.40 -2.99
C ASP C 132 21.95 29.81 -2.55
N ALA C 133 20.79 29.96 -1.93
CA ALA C 133 20.34 31.27 -1.45
C ALA C 133 19.88 30.86 -0.08
N GLY C 134 20.00 29.56 0.17
CA GLY C 134 19.65 28.95 1.43
C GLY C 134 18.28 28.29 1.47
N GLU C 135 17.74 27.95 0.31
CA GLU C 135 16.43 27.32 0.28
C GLU C 135 16.22 26.21 1.30
N ARG C 136 15.38 26.51 2.30
CA ARG C 136 15.08 25.56 3.36
C ARG C 136 13.73 24.86 3.29
N ALA C 137 13.77 23.54 3.16
CA ALA C 137 12.52 22.79 3.17
C ALA C 137 12.09 22.72 4.63
N LYS C 138 10.93 23.28 4.96
CA LYS C 138 10.45 23.30 6.34
C LYS C 138 9.61 22.07 6.71
N GLN C 139 9.46 21.79 8.01
CA GLN C 139 8.63 20.69 8.54
C GLN C 139 7.96 21.25 9.80
N ALA C 140 6.90 20.60 10.24
CA ALA C 140 6.15 21.05 11.42
C ALA C 140 6.94 21.22 12.73
N LEU C 141 6.57 22.23 13.50
CA LEU C 141 7.19 22.49 14.80
C LEU C 141 6.79 21.33 15.71
N ALA C 142 7.76 20.65 16.33
CA ALA C 142 7.37 19.51 17.13
C ALA C 142 6.41 19.83 18.25
N PHE C 143 5.59 18.85 18.59
CA PHE C 143 4.67 18.95 19.71
C PHE C 143 4.98 17.66 20.42
N GLU C 144 5.99 17.73 21.29
CA GLU C 144 6.48 16.57 22.01
C GLU C 144 5.85 16.46 23.40
N ARG C 145 6.09 15.33 24.07
CA ARG C 145 5.56 15.07 25.40
C ARG C 145 5.76 16.24 26.36
N THR C 146 6.94 16.85 26.31
CA THR C 146 7.20 17.97 27.20
C THR C 146 6.11 18.99 26.91
N ASP C 147 5.67 19.02 25.67
CA ASP C 147 4.63 19.96 25.24
C ASP C 147 3.22 19.56 25.69
N PHE C 148 2.93 18.28 25.58
CA PHE C 148 1.63 17.71 25.96
C PHE C 148 1.41 17.83 27.47
N ASP C 149 2.43 17.48 28.26
CA ASP C 149 2.35 17.56 29.71
C ASP C 149 2.06 18.97 30.18
N GLN C 150 2.86 19.89 29.65
CA GLN C 150 2.74 21.30 29.99
C GLN C 150 1.38 21.85 29.60
N VAL C 151 0.87 21.40 28.47
CA VAL C 151 -0.44 21.85 28.00
C VAL C 151 -1.44 21.16 28.91
N ARG C 152 -1.23 19.87 29.08
CA ARG C 152 -2.06 19.06 29.95
C ARG C 152 -2.10 19.74 31.33
N SER C 153 -0.98 20.30 31.74
CA SER C 153 -0.88 20.97 33.04
C SER C 153 -1.78 22.21 33.12
N LEU C 154 -1.69 23.08 32.11
CA LEU C 154 -2.47 24.30 32.04
C LEU C 154 -3.93 24.06 31.67
N MET C 155 -4.34 22.81 31.46
CA MET C 155 -5.72 22.59 31.07
C MET C 155 -6.61 21.51 31.72
N GLU C 156 -6.04 20.36 32.08
CA GLU C 156 -6.82 19.26 32.67
C GLU C 156 -7.71 19.74 33.82
N ASN C 157 -7.43 20.94 34.32
CA ASN C 157 -8.26 21.47 35.37
C ASN C 157 -9.22 22.51 34.83
N SER C 158 -9.47 22.47 33.53
CA SER C 158 -10.41 23.44 32.96
C SER C 158 -11.77 22.84 32.69
N ASP C 159 -12.78 23.47 33.28
CA ASP C 159 -14.18 23.07 33.17
C ASP C 159 -14.72 23.35 31.78
N ARG C 160 -14.12 24.36 31.13
CA ARG C 160 -14.47 24.78 29.78
C ARG C 160 -14.65 23.65 28.78
N CYS C 161 -15.84 23.59 28.22
CA CYS C 161 -16.15 22.57 27.24
C CYS C 161 -15.07 22.56 26.16
N GLN C 162 -14.69 23.73 25.63
CA GLN C 162 -13.66 23.80 24.59
C GLN C 162 -12.28 23.43 25.10
N ASP C 163 -12.05 23.65 26.39
CA ASP C 163 -10.77 23.28 26.95
C ASP C 163 -10.76 21.75 27.05
N ILE C 164 -11.87 21.16 27.49
CA ILE C 164 -11.88 19.70 27.55
C ILE C 164 -11.69 19.04 26.18
N ARG C 165 -12.40 19.53 25.16
CA ARG C 165 -12.32 18.99 23.80
C ARG C 165 -10.92 19.11 23.18
N ASN C 166 -10.30 20.26 23.35
CA ASN C 166 -8.96 20.48 22.81
C ASN C 166 -7.92 19.61 23.50
N LEU C 167 -8.26 18.99 24.63
CA LEU C 167 -7.27 18.15 25.28
C LEU C 167 -7.31 16.76 24.66
N ALA C 168 -8.52 16.23 24.52
CA ALA C 168 -8.72 14.94 23.89
C ALA C 168 -7.99 14.94 22.56
N PHE C 169 -8.11 16.06 21.84
CA PHE C 169 -7.52 16.17 20.52
C PHE C 169 -6.03 16.05 20.44
N LEU C 170 -5.35 16.83 21.26
CA LEU C 170 -3.90 16.81 21.27
C LEU C 170 -3.49 15.44 21.79
N GLY C 171 -4.41 14.79 22.49
CA GLY C 171 -4.19 13.46 23.04
C GLY C 171 -4.18 12.45 21.89
N ILE C 172 -5.27 12.43 21.12
CA ILE C 172 -5.43 11.56 19.97
C ILE C 172 -4.51 11.92 18.81
N ALA C 173 -3.84 13.07 18.87
CA ALA C 173 -2.96 13.48 17.80
C ALA C 173 -1.54 13.00 18.11
N TYR C 174 -1.16 13.17 19.37
CA TYR C 174 0.17 12.78 19.86
C TYR C 174 0.24 11.27 20.16
N ASN C 175 -0.64 10.81 21.04
CA ASN C 175 -0.70 9.40 21.38
C ASN C 175 -0.79 8.56 20.09
N THR C 176 -1.37 9.11 19.03
CA THR C 176 -1.58 8.38 17.76
C THR C 176 -0.87 8.70 16.43
N LEU C 177 -0.40 9.93 16.28
CA LEU C 177 0.32 10.29 15.06
C LEU C 177 -0.62 10.24 13.87
N LEU C 178 -1.92 10.26 14.13
CA LEU C 178 -2.92 10.26 13.05
C LEU C 178 -2.95 11.61 12.32
N ARG C 179 -3.20 11.59 11.03
CA ARG C 179 -3.25 12.85 10.27
C ARG C 179 -4.52 13.67 10.49
N ILE C 180 -4.44 14.99 10.32
CA ILE C 180 -5.60 15.84 10.54
C ILE C 180 -6.84 15.46 9.76
N ALA C 181 -6.67 15.21 8.47
CA ALA C 181 -7.79 14.80 7.62
C ALA C 181 -8.28 13.45 8.14
N GLU C 182 -7.45 12.81 8.94
CA GLU C 182 -7.83 11.52 9.51
C GLU C 182 -8.62 11.60 10.82
N ILE C 183 -8.27 12.50 11.75
CA ILE C 183 -9.04 12.55 13.00
C ILE C 183 -10.43 13.12 12.79
N ALA C 184 -10.53 14.01 11.82
CA ALA C 184 -11.81 14.61 11.48
C ALA C 184 -12.78 13.50 11.05
N ARG C 185 -12.30 12.55 10.24
CA ARG C 185 -13.11 11.44 9.73
C ARG C 185 -13.66 10.53 10.83
N ILE C 186 -12.92 10.37 11.92
CA ILE C 186 -13.31 9.49 13.01
C ILE C 186 -14.73 9.58 13.59
N ARG C 187 -15.40 8.43 13.69
CA ARG C 187 -16.76 8.41 14.26
C ARG C 187 -16.72 7.82 15.67
N VAL C 188 -17.81 7.91 16.41
CA VAL C 188 -17.85 7.38 17.77
C VAL C 188 -18.06 5.88 17.66
N LYS C 189 -18.62 5.48 16.52
CA LYS C 189 -18.89 4.09 16.14
C LYS C 189 -17.62 3.48 15.57
N ASP C 190 -16.50 4.04 16.02
CA ASP C 190 -15.19 3.59 15.61
C ASP C 190 -14.30 3.33 16.82
N ILE C 191 -14.89 3.34 18.02
CA ILE C 191 -14.14 3.13 19.25
C ILE C 191 -14.54 1.86 20.02
N SER C 192 -13.55 1.24 20.66
CA SER C 192 -13.74 0.03 21.45
C SER C 192 -13.30 0.29 22.89
N ARG C 193 -13.08 -0.74 23.70
CA ARG C 193 -12.67 -0.50 25.08
C ARG C 193 -11.44 -1.29 25.49
N THR C 194 -11.02 -2.16 24.58
CA THR C 194 -9.83 -2.99 24.68
C THR C 194 -8.89 -2.93 25.88
N ASP C 195 -8.33 -4.08 26.24
CA ASP C 195 -7.34 -4.22 27.29
C ASP C 195 -7.33 -3.38 28.57
N GLY C 196 -8.41 -2.70 28.91
CA GLY C 196 -8.40 -2.02 30.19
C GLY C 196 -8.96 -0.64 30.43
N GLY C 197 -10.05 -0.28 29.77
CA GLY C 197 -10.60 1.05 29.97
C GLY C 197 -9.73 1.91 29.09
N ARG C 198 -8.87 1.23 28.35
CA ARG C 198 -7.98 1.90 27.43
C ARG C 198 -9.03 2.35 26.44
N MET C 199 -8.84 1.92 25.20
CA MET C 199 -9.74 2.25 24.11
C MET C 199 -8.96 2.06 22.82
N LEU C 200 -9.62 1.52 21.80
CA LEU C 200 -8.97 1.35 20.52
C LEU C 200 -9.76 2.17 19.50
N ILE C 201 -9.06 2.67 18.49
CA ILE C 201 -9.66 3.47 17.43
C ILE C 201 -9.41 2.82 16.07
N HIS C 202 -10.36 2.00 15.61
CA HIS C 202 -10.18 1.38 14.30
C HIS C 202 -10.14 2.53 13.35
N ILE C 203 -9.01 2.63 12.65
CA ILE C 203 -8.88 3.70 11.67
C ILE C 203 -9.03 3.37 10.20
N GLY C 204 -8.06 3.83 9.41
CA GLY C 204 -8.02 3.66 7.98
C GLY C 204 -7.10 4.81 7.60
N ARG C 205 -5.81 4.60 7.79
CA ARG C 205 -4.88 5.67 7.44
C ARG C 205 -4.23 5.31 6.13
N THR C 206 -4.87 4.38 5.42
CA THR C 206 -4.40 3.98 4.11
C THR C 206 -5.51 4.24 3.13
N LYS C 207 -5.14 4.39 1.86
CA LYS C 207 -6.08 4.59 0.77
C LYS C 207 -5.34 3.92 -0.36
N THR C 208 -4.68 2.83 -0.03
CA THR C 208 -3.96 2.20 -1.09
C THR C 208 -4.68 0.88 -1.21
N LEU C 209 -5.03 0.43 -2.40
CA LEU C 209 -5.72 -0.85 -2.48
C LEU C 209 -4.84 -1.98 -1.87
N VAL C 210 -3.57 -2.06 -2.26
CA VAL C 210 -2.75 -3.13 -1.69
C VAL C 210 -1.93 -2.65 -0.51
N SER C 211 -2.68 -2.13 0.45
CA SER C 211 -2.16 -1.69 1.73
C SER C 211 -2.97 -2.38 2.80
N THR C 212 -3.82 -1.57 3.42
CA THR C 212 -4.61 -1.98 4.57
C THR C 212 -6.09 -1.65 4.42
N ALA C 213 -6.88 -2.20 5.32
CA ALA C 213 -8.31 -1.92 5.38
C ALA C 213 -8.53 -0.86 6.46
N GLY C 214 -7.78 -0.99 7.55
CA GLY C 214 -7.83 -0.08 8.70
C GLY C 214 -6.84 -0.56 9.74
N VAL C 215 -6.76 0.13 10.87
CA VAL C 215 -5.83 -0.32 11.90
C VAL C 215 -6.46 -0.02 13.23
N GLU C 216 -5.70 -0.24 14.30
CA GLU C 216 -6.22 0.05 15.61
C GLU C 216 -5.18 0.89 16.34
N LYS C 217 -5.59 2.03 16.88
CA LYS C 217 -4.67 2.89 17.58
C LYS C 217 -5.17 2.86 19.01
N ALA C 218 -4.27 2.65 19.97
CA ALA C 218 -4.66 2.57 21.38
C ALA C 218 -4.27 3.80 22.20
N LEU C 219 -4.82 3.92 23.40
CA LEU C 219 -4.53 5.09 24.26
C LEU C 219 -4.16 4.82 25.74
N SER C 220 -3.57 5.81 26.40
CA SER C 220 -3.10 5.70 27.79
C SER C 220 -4.11 6.14 28.85
N LEU C 221 -3.62 6.46 30.05
CA LEU C 221 -4.48 6.99 31.11
C LEU C 221 -4.42 8.46 30.73
N GLY C 222 -3.45 8.77 29.88
CA GLY C 222 -3.31 10.10 29.37
C GLY C 222 -4.57 10.16 28.52
N VAL C 223 -4.41 9.90 27.23
CA VAL C 223 -5.51 9.91 26.28
C VAL C 223 -6.93 9.37 26.46
N THR C 224 -7.10 8.06 26.56
CA THR C 224 -8.42 7.44 26.72
C THR C 224 -9.28 8.26 27.71
N LYS C 225 -8.71 8.63 28.85
CA LYS C 225 -9.42 9.41 29.87
C LYS C 225 -9.92 10.76 29.35
N LEU C 226 -8.99 11.62 28.96
CA LEU C 226 -9.39 12.92 28.44
C LEU C 226 -10.52 12.61 27.47
N VAL C 227 -10.32 11.57 26.65
CA VAL C 227 -11.33 11.19 25.69
C VAL C 227 -12.61 10.68 26.34
N GLU C 228 -12.69 10.77 27.66
CA GLU C 228 -13.89 10.36 28.38
C GLU C 228 -14.64 11.64 28.73
N ARG C 229 -13.91 12.56 29.35
CA ARG C 229 -14.46 13.85 29.73
C ARG C 229 -15.03 14.52 28.47
N TRP C 230 -14.40 14.37 27.30
CA TRP C 230 -14.95 14.98 26.09
C TRP C 230 -16.29 14.39 25.73
N ILE C 231 -16.52 13.13 26.06
CA ILE C 231 -17.82 12.55 25.79
C ILE C 231 -18.94 12.86 26.78
N SER C 232 -18.60 13.04 28.05
CA SER C 232 -19.60 13.42 29.03
C SER C 232 -20.12 14.83 28.69
N VAL C 233 -19.20 15.74 28.39
CA VAL C 233 -19.50 17.12 28.05
C VAL C 233 -19.95 17.33 26.62
N SER C 234 -19.38 16.60 25.66
CA SER C 234 -19.79 16.76 24.26
C SER C 234 -21.14 16.09 24.01
N GLY C 235 -21.47 15.11 24.85
CA GLY C 235 -22.72 14.36 24.68
C GLY C 235 -22.72 13.88 23.23
N VAL C 236 -21.50 13.63 22.76
CA VAL C 236 -21.24 13.25 21.38
C VAL C 236 -21.70 11.85 21.00
N ALA C 237 -21.80 10.98 22.01
CA ALA C 237 -22.18 9.59 21.81
C ALA C 237 -23.67 9.28 21.79
N ASP C 238 -24.53 10.28 22.04
CA ASP C 238 -25.97 10.04 22.03
C ASP C 238 -26.48 9.24 20.82
N ASP C 239 -25.88 9.46 19.65
CA ASP C 239 -26.23 8.71 18.44
C ASP C 239 -24.87 8.29 17.92
N PRO C 240 -24.77 7.05 17.43
CA PRO C 240 -23.50 6.53 16.94
C PRO C 240 -23.15 6.84 15.50
N ASN C 241 -24.04 7.25 14.60
CA ASN C 241 -23.50 7.55 13.33
C ASN C 241 -22.44 8.73 13.38
N ASN C 242 -22.75 9.68 14.26
CA ASN C 242 -21.91 10.84 14.55
C ASN C 242 -20.39 10.68 14.45
N TYR C 243 -19.67 11.80 14.55
CA TYR C 243 -18.20 11.83 14.51
C TYR C 243 -17.67 12.23 15.88
N LEU C 244 -16.56 11.65 16.33
CA LEU C 244 -16.08 12.02 17.67
C LEU C 244 -15.89 13.51 17.98
N PHE C 245 -15.18 14.22 17.11
CA PHE C 245 -14.90 15.65 17.29
C PHE C 245 -15.87 16.59 16.60
N CYS C 246 -16.41 17.50 17.39
CA CYS C 246 -17.36 18.47 16.87
C CYS C 246 -17.00 19.88 17.30
N ARG C 247 -17.71 20.83 16.70
CA ARG C 247 -17.54 22.25 17.01
C ARG C 247 -18.26 22.59 18.32
N VAL C 248 -17.66 23.53 19.06
CA VAL C 248 -18.19 24.02 20.34
C VAL C 248 -18.33 25.53 20.19
N ARG C 249 -19.56 26.01 20.28
CA ARG C 249 -19.85 27.43 20.11
C ARG C 249 -19.36 28.31 21.24
N LYS C 250 -19.56 29.61 21.09
CA LYS C 250 -19.11 30.60 22.08
C LYS C 250 -19.68 30.41 23.48
N ASN C 251 -20.87 29.81 23.57
CA ASN C 251 -21.51 29.57 24.86
C ASN C 251 -20.92 28.35 25.50
N GLY C 252 -20.02 27.68 24.79
CA GLY C 252 -19.39 26.49 25.35
C GLY C 252 -20.31 25.29 25.22
N VAL C 253 -21.28 25.39 24.31
CA VAL C 253 -22.18 24.27 24.08
C VAL C 253 -21.76 23.47 22.85
N ALA C 254 -21.83 22.15 22.97
CA ALA C 254 -21.44 21.24 21.88
C ALA C 254 -22.55 20.97 20.87
N ALA C 255 -22.16 20.48 19.69
CA ALA C 255 -23.11 20.18 18.63
C ALA C 255 -22.63 19.01 17.76
N PRO C 256 -23.00 17.81 18.19
CA PRO C 256 -22.60 16.60 17.49
C PRO C 256 -23.07 16.59 16.04
N SER C 257 -22.68 15.57 15.29
CA SER C 257 -23.07 15.50 13.88
C SER C 257 -22.61 14.19 13.22
N ALA C 258 -23.53 13.47 12.60
CA ALA C 258 -23.12 12.26 11.91
C ALA C 258 -22.93 12.67 10.46
N THR C 259 -23.11 13.96 10.22
CA THR C 259 -23.03 14.48 8.86
C THR C 259 -21.94 15.48 8.52
N SER C 260 -21.44 16.18 9.53
CA SER C 260 -20.40 17.16 9.31
C SER C 260 -19.22 16.87 10.24
N GLN C 261 -18.02 17.02 9.71
CA GLN C 261 -16.87 16.79 10.56
C GLN C 261 -16.17 18.13 10.75
N LEU C 262 -15.38 18.23 11.80
CA LEU C 262 -14.67 19.46 12.06
C LEU C 262 -13.73 19.62 10.86
N SER C 263 -13.60 20.85 10.40
CA SER C 263 -12.73 21.17 9.28
C SER C 263 -11.29 20.88 9.71
N THR C 264 -10.41 20.64 8.75
CA THR C 264 -9.01 20.36 9.08
C THR C 264 -8.42 21.70 9.53
N ARG C 265 -9.02 22.77 9.01
CA ARG C 265 -8.63 24.14 9.37
C ARG C 265 -8.83 24.33 10.89
N ALA C 266 -9.98 23.88 11.39
CA ALA C 266 -10.35 23.96 12.79
C ALA C 266 -9.37 23.20 13.72
N LEU C 267 -8.87 22.08 13.20
CA LEU C 267 -7.93 21.22 13.92
C LEU C 267 -6.56 21.87 13.87
N GLU C 268 -6.30 22.60 12.79
CA GLU C 268 -5.04 23.31 12.69
C GLU C 268 -5.16 24.45 13.72
N GLY C 269 -6.38 24.98 13.86
CA GLY C 269 -6.67 26.06 14.81
C GLY C 269 -6.36 25.66 16.25
N ILE C 270 -6.91 24.52 16.68
CA ILE C 270 -6.65 24.04 18.02
C ILE C 270 -5.15 23.96 18.29
N PHE C 271 -4.35 23.71 17.27
CA PHE C 271 -2.91 23.62 17.47
C PHE C 271 -2.31 25.01 17.63
N GLU C 272 -2.78 25.92 16.78
CA GLU C 272 -2.29 27.29 16.80
C GLU C 272 -2.74 27.99 18.07
N ALA C 273 -4.02 27.82 18.41
CA ALA C 273 -4.61 28.40 19.60
C ALA C 273 -3.80 27.95 20.81
N THR C 274 -3.66 26.63 20.91
CA THR C 274 -2.93 26.03 22.00
C THR C 274 -1.51 26.56 22.20
N HIS C 275 -0.81 26.89 21.11
CA HIS C 275 0.55 27.40 21.22
C HIS C 275 0.55 28.86 21.62
N ARG C 276 -0.56 29.53 21.33
CA ARG C 276 -0.65 30.95 21.64
C ARG C 276 -0.85 31.08 23.15
N LEU C 277 -1.68 30.19 23.69
CA LEU C 277 -1.94 30.16 25.12
C LEU C 277 -0.65 30.12 25.94
N ILE C 278 0.36 29.43 25.41
CA ILE C 278 1.64 29.26 26.11
C ILE C 278 2.69 30.26 25.69
N TYR C 279 2.73 30.59 24.41
CA TYR C 279 3.77 31.48 23.95
C TYR C 279 3.31 32.86 23.47
N GLY C 280 2.05 32.98 23.07
CA GLY C 280 1.53 34.27 22.63
C GLY C 280 1.48 34.61 21.15
N ALA C 281 1.24 35.90 20.98
CA ALA C 281 1.09 36.56 19.70
C ALA C 281 2.02 36.01 18.64
N LYS C 282 1.47 35.76 17.45
CA LYS C 282 2.18 35.26 16.26
C LYS C 282 3.57 35.90 16.28
N ASP C 283 4.60 35.11 16.06
CA ASP C 283 5.94 35.63 16.22
C ASP C 283 6.77 36.20 15.06
N ASP C 284 7.89 35.51 14.91
CA ASP C 284 8.98 35.66 13.93
C ASP C 284 8.67 35.80 12.41
N SER C 285 7.94 36.85 11.97
CA SER C 285 7.69 37.27 10.57
C SER C 285 6.54 37.20 9.57
N GLY C 286 5.95 36.01 9.46
CA GLY C 286 4.94 35.78 8.43
C GLY C 286 5.47 34.45 7.89
N GLN C 287 6.50 33.91 8.55
CA GLN C 287 7.08 32.62 8.17
C GLN C 287 6.04 31.54 8.48
N ARG C 288 6.39 30.30 8.11
CA ARG C 288 5.49 29.18 8.38
C ARG C 288 5.98 28.45 9.63
N TYR C 289 5.14 27.57 10.15
CA TYR C 289 5.47 26.78 11.34
C TYR C 289 6.02 27.60 12.50
N LEU C 290 5.51 28.81 12.70
CA LEU C 290 5.98 29.63 13.81
C LEU C 290 5.38 29.09 15.10
N ALA C 291 4.21 28.45 14.98
CA ALA C 291 3.50 27.83 16.08
C ALA C 291 3.39 26.33 15.82
N TRP C 292 2.28 25.72 16.25
CA TRP C 292 2.07 24.31 15.99
C TRP C 292 1.09 24.20 14.84
N SER C 293 1.23 23.15 14.04
CA SER C 293 0.34 22.92 12.90
C SER C 293 -0.12 21.48 12.98
N GLY C 294 -1.02 21.08 12.09
CA GLY C 294 -1.58 19.73 12.09
C GLY C 294 -0.55 18.61 12.20
N HIS C 295 0.61 18.81 11.62
CA HIS C 295 1.62 17.77 11.66
C HIS C 295 2.54 17.73 12.87
N SER C 296 2.48 18.74 13.73
CA SER C 296 3.32 18.84 14.92
C SER C 296 3.34 17.60 15.81
N ALA C 297 2.15 17.08 16.09
CA ALA C 297 1.99 15.90 16.93
C ALA C 297 2.72 14.68 16.37
N ARG C 298 2.64 14.50 15.06
CA ARG C 298 3.31 13.37 14.42
C ARG C 298 4.82 13.58 14.45
N VAL C 299 5.25 14.84 14.37
CA VAL C 299 6.67 15.16 14.39
C VAL C 299 7.29 14.89 15.75
N GLY C 300 6.60 15.32 16.80
CA GLY C 300 7.07 15.15 18.17
C GLY C 300 7.00 13.72 18.66
N ALA C 301 5.89 13.04 18.37
CA ALA C 301 5.67 11.65 18.77
C ALA C 301 6.88 10.85 18.34
N ALA C 302 7.32 11.08 17.11
CA ALA C 302 8.48 10.42 16.51
C ALA C 302 9.75 10.64 17.33
N ARG C 303 10.21 11.88 17.41
CA ARG C 303 11.42 12.19 18.17
C ARG C 303 11.38 11.60 19.57
N ASP C 304 10.22 11.68 20.21
CA ASP C 304 10.13 11.14 21.55
C ASP C 304 10.40 9.65 21.46
N MET C 305 9.77 9.03 20.46
CA MET C 305 9.91 7.60 20.17
C MET C 305 11.33 7.26 19.71
N ALA C 306 12.04 8.23 19.15
CA ALA C 306 13.42 8.01 18.71
C ALA C 306 14.39 8.28 19.88
N ARG C 307 14.01 9.22 20.74
CA ARG C 307 14.84 9.59 21.87
C ARG C 307 14.98 8.48 22.89
N ALA C 308 13.90 7.74 23.10
CA ALA C 308 13.90 6.65 24.06
C ALA C 308 14.32 5.39 23.31
N GLY C 309 15.01 5.60 22.20
CA GLY C 309 15.46 4.50 21.37
C GLY C 309 14.34 3.49 21.24
N VAL C 310 13.52 3.65 20.21
CA VAL C 310 12.42 2.74 19.92
C VAL C 310 12.52 2.42 18.42
N SER C 311 13.01 1.23 18.11
CA SER C 311 13.19 0.78 16.74
C SER C 311 12.49 1.56 15.64
N ILE C 312 13.18 1.69 14.51
CA ILE C 312 12.57 2.30 13.33
C ILE C 312 11.28 1.61 12.79
N PRO C 313 10.70 0.67 13.55
CA PRO C 313 9.40 0.08 13.24
C PRO C 313 8.42 1.18 13.64
N GLU C 314 7.81 1.19 14.84
CA GLU C 314 6.92 2.30 15.26
C GLU C 314 7.54 3.69 15.17
N ILE C 315 8.49 3.89 14.29
CA ILE C 315 9.14 5.15 14.04
C ILE C 315 8.90 5.32 12.54
N MET C 316 9.63 4.68 11.62
CA MET C 316 9.23 4.82 10.22
C MET C 316 7.98 3.97 9.94
N GLN C 317 7.22 3.71 11.00
CA GLN C 317 6.01 2.91 10.85
C GLN C 317 4.81 3.39 11.67
N ALA C 318 4.99 3.56 12.98
CA ALA C 318 3.88 4.00 13.83
C ALA C 318 2.88 5.01 13.26
N GLY C 319 3.34 5.91 12.39
CA GLY C 319 2.48 6.91 11.77
C GLY C 319 2.44 6.55 10.31
N GLY C 320 2.25 5.26 10.07
CA GLY C 320 2.18 4.65 8.75
C GLY C 320 3.20 5.14 7.72
N TRP C 321 4.46 5.34 8.11
CA TRP C 321 5.40 5.76 7.09
C TRP C 321 6.10 4.53 6.51
N THR C 322 5.40 3.63 5.84
CA THR C 322 6.08 2.50 5.22
C THR C 322 6.84 3.15 4.06
N ASN C 323 7.78 4.04 4.38
CA ASN C 323 8.46 4.82 3.35
C ASN C 323 9.44 5.94 3.81
N VAL C 324 10.55 5.62 4.51
CA VAL C 324 11.55 6.59 5.04
C VAL C 324 12.16 7.90 4.41
N ASN C 325 12.66 8.78 5.28
CA ASN C 325 13.30 10.11 5.13
C ASN C 325 12.35 10.89 5.99
N ILE C 326 11.12 10.40 5.98
CA ILE C 326 10.15 11.08 6.80
C ILE C 326 10.51 10.96 8.25
N VAL C 327 10.40 9.77 8.82
CA VAL C 327 10.83 9.69 10.19
C VAL C 327 12.26 10.23 10.32
N MET C 328 13.01 10.21 9.22
CA MET C 328 14.39 10.69 9.24
C MET C 328 14.57 12.20 9.24
N ASN C 329 13.75 12.92 8.48
CA ASN C 329 13.85 14.38 8.42
C ASN C 329 13.35 14.94 9.76
N TYR C 330 12.64 14.11 10.51
CA TYR C 330 12.07 14.52 11.80
C TYR C 330 12.99 14.32 12.99
N ILE C 331 13.80 13.28 12.95
CA ILE C 331 14.65 12.99 14.08
C ILE C 331 16.11 13.31 13.84
N ARG C 332 16.40 14.12 12.83
CA ARG C 332 17.77 14.48 12.46
C ARG C 332 18.64 15.23 13.47
N ASN C 333 18.10 16.25 14.14
CA ASN C 333 18.91 17.04 15.08
C ASN C 333 19.12 16.29 16.38
N LEU C 334 18.38 15.20 16.52
CA LEU C 334 18.47 14.36 17.71
C LEU C 334 19.91 13.88 17.92
N ASP C 335 20.24 13.52 19.15
CA ASP C 335 21.58 13.05 19.48
C ASP C 335 21.77 11.59 19.20
N SER C 336 20.68 10.84 19.20
CA SER C 336 20.71 9.41 18.96
C SER C 336 21.00 9.15 17.49
N GLU C 337 20.71 10.15 16.65
CA GLU C 337 20.89 10.10 15.20
C GLU C 337 22.09 10.97 14.79
N THR C 338 23.16 10.93 15.58
CA THR C 338 24.33 11.75 15.31
C THR C 338 25.28 11.21 14.24
N GLY C 339 25.24 9.90 14.02
CA GLY C 339 26.08 9.28 13.01
C GLY C 339 27.29 8.54 13.57
N ALA C 340 27.87 7.65 12.76
CA ALA C 340 29.03 6.85 13.15
C ALA C 340 30.37 7.57 13.34
N MET C 341 30.52 8.76 12.78
CA MET C 341 31.77 9.50 12.91
C MET C 341 31.92 10.10 14.32
N VAL C 342 30.81 10.62 14.85
CA VAL C 342 30.76 11.23 16.17
C VAL C 342 31.01 10.13 17.19
N ARG C 343 30.38 9.00 16.92
CA ARG C 343 30.53 7.81 17.74
C ARG C 343 31.99 7.32 17.79
N LEU C 344 32.69 7.35 16.66
CA LEU C 344 34.07 6.92 16.61
C LEU C 344 34.99 7.96 17.22
N LEU C 345 34.75 9.23 16.91
CA LEU C 345 35.60 10.29 17.44
C LEU C 345 35.48 10.35 18.97
N GLU C 346 34.31 10.00 19.46
CA GLU C 346 34.08 10.00 20.89
C GLU C 346 34.35 8.65 21.53
N ASP C 347 35.17 7.83 20.85
CA ASP C 347 35.58 6.47 21.24
C ASP C 347 34.90 5.38 20.44
N THR D 25 0.24 -2.95 -40.29
CA THR D 25 -1.07 -2.97 -40.91
C THR D 25 -1.56 -4.39 -41.23
N SER D 26 -2.86 -4.66 -41.09
CA SER D 26 -3.50 -5.95 -41.38
C SER D 26 -2.57 -7.15 -41.59
N ASP D 27 -1.64 -7.04 -42.53
CA ASP D 27 -0.67 -8.12 -42.82
C ASP D 27 0.30 -8.24 -41.65
N GLU D 28 0.77 -7.07 -41.22
CA GLU D 28 1.70 -6.86 -40.10
C GLU D 28 1.13 -7.35 -38.75
N VAL D 29 -0.18 -7.18 -38.57
CA VAL D 29 -0.90 -7.59 -37.36
C VAL D 29 -1.02 -9.10 -37.37
N ARG D 30 -1.37 -9.66 -38.52
CA ARG D 30 -1.51 -11.10 -38.68
C ARG D 30 -0.13 -11.72 -38.41
N LYS D 31 0.94 -11.00 -38.75
CA LYS D 31 2.26 -11.57 -38.53
C LYS D 31 2.80 -11.45 -37.12
N ASN D 32 2.46 -10.32 -36.49
CA ASN D 32 2.88 -10.02 -35.13
C ASN D 32 2.15 -11.01 -34.23
N LEU D 33 0.84 -11.11 -34.42
CA LEU D 33 0.05 -12.07 -33.66
C LEU D 33 0.59 -13.45 -33.95
N MET D 34 0.78 -13.78 -35.23
CA MET D 34 1.29 -15.09 -35.61
C MET D 34 2.65 -15.35 -35.00
N ASP D 35 3.50 -14.33 -34.99
CA ASP D 35 4.83 -14.50 -34.43
C ASP D 35 4.73 -14.78 -32.93
N MET D 36 3.63 -14.33 -32.34
CA MET D 36 3.45 -14.55 -30.92
C MET D 36 3.03 -15.98 -30.66
N PHE D 37 2.09 -16.48 -31.46
CA PHE D 37 1.62 -17.85 -31.30
C PHE D 37 2.68 -18.90 -31.58
N ARG D 38 3.63 -18.56 -32.43
CA ARG D 38 4.69 -19.51 -32.77
C ARG D 38 5.53 -19.80 -31.53
N ASP D 39 6.05 -18.75 -30.90
CA ASP D 39 6.89 -18.92 -29.72
C ASP D 39 6.07 -18.68 -28.46
N ARG D 40 4.97 -19.43 -28.36
CA ARG D 40 4.02 -19.42 -27.25
C ARG D 40 4.74 -19.53 -25.91
N GLN D 41 5.72 -20.42 -25.88
CA GLN D 41 6.51 -20.72 -24.69
C GLN D 41 7.21 -19.54 -24.07
N ALA D 42 7.42 -18.48 -24.84
CA ALA D 42 8.08 -17.28 -24.34
C ALA D 42 7.41 -16.76 -23.07
N PHE D 43 6.11 -17.01 -22.93
CA PHE D 43 5.38 -16.55 -21.76
C PHE D 43 4.77 -17.71 -20.98
N SER D 44 4.31 -17.43 -19.77
CA SER D 44 3.69 -18.43 -18.91
C SER D 44 2.42 -18.97 -19.50
N GLU D 45 2.17 -20.26 -19.28
CA GLU D 45 0.94 -20.91 -19.71
C GLU D 45 -0.25 -20.12 -19.17
N HIS D 46 -0.08 -19.55 -17.98
CA HIS D 46 -1.14 -18.79 -17.29
C HIS D 46 -1.48 -17.45 -17.91
N THR D 47 -0.49 -16.83 -18.53
CA THR D 47 -0.67 -15.54 -19.19
C THR D 47 -1.61 -15.80 -20.37
N TRP D 48 -1.39 -16.92 -21.05
CA TRP D 48 -2.21 -17.34 -22.17
C TRP D 48 -3.65 -17.64 -21.74
N LYS D 49 -3.80 -18.33 -20.62
CA LYS D 49 -5.12 -18.70 -20.10
C LYS D 49 -5.89 -17.43 -19.80
N MET D 50 -5.19 -16.41 -19.32
CA MET D 50 -5.85 -15.15 -19.02
C MET D 50 -6.08 -14.29 -20.28
N LEU D 51 -5.08 -14.23 -21.17
CA LEU D 51 -5.25 -13.53 -22.44
C LEU D 51 -6.61 -14.02 -22.96
N LEU D 52 -6.71 -15.32 -23.14
CA LEU D 52 -7.93 -15.92 -23.66
C LEU D 52 -9.18 -15.71 -22.83
N SER D 53 -9.06 -15.74 -21.50
CA SER D 53 -10.25 -15.58 -20.67
C SER D 53 -10.78 -14.18 -20.78
N VAL D 54 -9.87 -13.22 -20.86
CA VAL D 54 -10.25 -11.81 -20.98
C VAL D 54 -10.92 -11.61 -22.35
N CYS D 55 -10.23 -12.04 -23.41
CA CYS D 55 -10.76 -11.94 -24.77
C CYS D 55 -12.13 -12.59 -24.83
N ARG D 56 -12.28 -13.75 -24.20
CA ARG D 56 -13.62 -14.36 -24.21
C ARG D 56 -14.63 -13.38 -23.62
N SER D 57 -14.29 -12.80 -22.47
CA SER D 57 -15.14 -11.82 -21.80
C SER D 57 -15.47 -10.57 -22.66
N TRP D 58 -14.44 -9.93 -23.20
CA TRP D 58 -14.55 -8.72 -24.02
C TRP D 58 -15.35 -8.97 -25.29
N ALA D 59 -15.05 -10.10 -25.92
CA ALA D 59 -15.72 -10.49 -27.17
C ALA D 59 -17.20 -10.68 -26.88
N ALA D 60 -17.49 -11.18 -25.70
CA ALA D 60 -18.86 -11.39 -25.30
C ALA D 60 -19.54 -10.07 -25.09
N TRP D 61 -18.88 -9.17 -24.36
CA TRP D 61 -19.47 -7.87 -24.10
C TRP D 61 -19.65 -7.14 -25.43
N CYS D 62 -18.71 -7.36 -26.34
CA CYS D 62 -18.74 -6.73 -27.64
C CYS D 62 -19.92 -7.16 -28.52
N LYS D 63 -20.16 -8.46 -28.57
CA LYS D 63 -21.25 -9.00 -29.37
C LYS D 63 -22.60 -8.44 -28.90
N LEU D 64 -22.82 -8.47 -27.61
CA LEU D 64 -24.07 -8.02 -27.02
C LEU D 64 -24.44 -6.57 -27.31
N ASN D 65 -23.45 -5.83 -27.79
CA ASN D 65 -23.57 -4.39 -28.00
C ASN D 65 -23.20 -4.05 -29.42
N ASN D 66 -23.09 -5.07 -30.25
CA ASN D 66 -22.62 -4.86 -31.59
C ASN D 66 -21.42 -4.01 -31.83
N ARG D 67 -20.28 -4.39 -31.22
CA ARG D 67 -19.03 -3.63 -31.37
C ARG D 67 -17.94 -4.55 -31.83
N LYS D 68 -16.96 -3.99 -32.50
CA LYS D 68 -15.85 -4.78 -33.02
C LYS D 68 -14.89 -5.01 -31.88
N TRP D 69 -14.61 -6.28 -31.58
CA TRP D 69 -13.68 -6.54 -30.50
C TRP D 69 -12.19 -6.31 -30.80
N PHE D 70 -11.76 -6.34 -32.07
CA PHE D 70 -10.35 -6.09 -32.38
C PHE D 70 -10.13 -5.46 -33.77
N PRO D 71 -9.41 -4.34 -33.86
CA PRO D 71 -8.82 -3.63 -32.73
C PRO D 71 -9.91 -3.00 -31.89
N ALA D 72 -9.64 -2.90 -30.60
CA ALA D 72 -10.56 -2.35 -29.64
C ALA D 72 -10.53 -0.82 -29.68
N GLU D 73 -11.70 -0.22 -29.52
CA GLU D 73 -11.82 1.21 -29.54
C GLU D 73 -11.78 1.66 -28.09
N PRO D 74 -10.92 2.64 -27.78
CA PRO D 74 -10.83 3.16 -26.42
C PRO D 74 -12.18 3.35 -25.78
N GLU D 75 -13.06 4.13 -26.41
CA GLU D 75 -14.38 4.36 -25.83
C GLU D 75 -15.13 3.07 -25.48
N ASP D 76 -14.88 2.03 -26.25
CA ASP D 76 -15.52 0.73 -26.07
C ASP D 76 -14.88 0.01 -24.88
N VAL D 77 -13.56 0.13 -24.80
CA VAL D 77 -12.79 -0.47 -23.71
C VAL D 77 -13.30 0.19 -22.42
N ARG D 78 -13.45 1.51 -22.45
CA ARG D 78 -13.93 2.24 -21.30
C ARG D 78 -15.29 1.79 -20.79
N ASP D 79 -16.28 1.62 -21.66
CA ASP D 79 -17.59 1.14 -21.19
C ASP D 79 -17.46 -0.28 -20.66
N TYR D 80 -16.44 -0.98 -21.13
CA TYR D 80 -16.23 -2.37 -20.73
C TYR D 80 -15.71 -2.42 -19.29
N LEU D 81 -14.71 -1.61 -19.00
CA LEU D 81 -14.18 -1.54 -17.64
C LEU D 81 -15.31 -1.10 -16.71
N LEU D 82 -16.08 -0.09 -17.09
CA LEU D 82 -17.19 0.37 -16.27
C LEU D 82 -18.23 -0.69 -16.04
N TYR D 83 -18.35 -1.57 -17.02
CA TYR D 83 -19.31 -2.66 -16.93
C TYR D 83 -18.78 -3.73 -15.96
N LEU D 84 -17.48 -3.99 -15.96
CA LEU D 84 -16.87 -4.96 -15.04
C LEU D 84 -17.05 -4.39 -13.64
N GLN D 85 -16.74 -3.10 -13.50
CA GLN D 85 -16.90 -2.40 -12.23
C GLN D 85 -18.31 -2.57 -11.68
N ALA D 86 -19.31 -2.39 -12.53
CA ALA D 86 -20.70 -2.53 -12.13
C ALA D 86 -21.07 -3.97 -11.83
N ARG D 87 -20.27 -4.92 -12.29
CA ARG D 87 -20.57 -6.33 -12.03
C ARG D 87 -20.07 -6.68 -10.63
N GLY D 88 -19.41 -5.71 -9.99
CA GLY D 88 -18.89 -5.86 -8.66
C GLY D 88 -17.56 -6.60 -8.62
N LEU D 89 -16.75 -6.50 -9.66
CA LEU D 89 -15.46 -7.19 -9.69
C LEU D 89 -14.41 -6.34 -9.01
N ALA D 90 -13.31 -6.97 -8.63
CA ALA D 90 -12.22 -6.31 -7.93
C ALA D 90 -11.42 -5.42 -8.85
N VAL D 91 -10.81 -4.38 -8.29
CA VAL D 91 -10.02 -3.47 -9.07
C VAL D 91 -8.95 -4.25 -9.81
N LYS D 92 -8.36 -5.23 -9.12
CA LYS D 92 -7.32 -6.08 -9.68
C LYS D 92 -7.77 -6.91 -10.88
N THR D 93 -9.00 -7.40 -10.81
CA THR D 93 -9.55 -8.18 -11.91
C THR D 93 -9.80 -7.25 -13.09
N ILE D 94 -10.31 -6.05 -12.79
CA ILE D 94 -10.54 -5.04 -13.81
C ILE D 94 -9.22 -4.63 -14.44
N GLN D 95 -8.18 -4.51 -13.62
CA GLN D 95 -6.88 -4.16 -14.16
C GLN D 95 -6.29 -5.31 -14.98
N GLN D 96 -6.77 -6.53 -14.74
CA GLN D 96 -6.29 -7.72 -15.48
C GLN D 96 -6.86 -7.72 -16.89
N HIS D 97 -8.14 -7.38 -16.98
CA HIS D 97 -8.84 -7.27 -18.26
C HIS D 97 -8.21 -6.21 -19.17
N LEU D 98 -7.95 -5.05 -18.59
CA LEU D 98 -7.29 -3.96 -19.29
C LEU D 98 -5.86 -4.37 -19.69
N GLY D 99 -5.14 -5.02 -18.78
CA GLY D 99 -3.77 -5.41 -19.09
C GLY D 99 -3.68 -6.45 -20.21
N GLN D 100 -4.60 -7.41 -20.23
CA GLN D 100 -4.60 -8.42 -21.27
C GLN D 100 -4.86 -7.74 -22.63
N LEU D 101 -5.87 -6.86 -22.68
CA LEU D 101 -6.23 -6.10 -23.89
C LEU D 101 -5.03 -5.27 -24.31
N ASN D 102 -4.36 -4.64 -23.35
CA ASN D 102 -3.20 -3.83 -23.69
C ASN D 102 -2.13 -4.69 -24.35
N MET D 103 -1.93 -5.90 -23.84
CA MET D 103 -0.90 -6.80 -24.36
C MET D 103 -1.25 -7.27 -25.76
N LEU D 104 -2.51 -7.64 -25.97
CA LEU D 104 -2.95 -8.08 -27.30
C LEU D 104 -2.61 -7.02 -28.33
N HIS D 105 -2.92 -5.78 -28.02
CA HIS D 105 -2.65 -4.66 -28.90
C HIS D 105 -1.16 -4.32 -29.07
N ARG D 106 -0.48 -4.01 -27.97
CA ARG D 106 0.95 -3.67 -28.00
C ARG D 106 1.73 -4.75 -28.76
N ARG D 107 1.53 -5.99 -28.37
CA ARG D 107 2.22 -7.07 -29.06
C ARG D 107 1.68 -7.21 -30.45
N SER D 108 0.61 -6.49 -30.75
CA SER D 108 0.03 -6.57 -32.07
C SER D 108 0.66 -5.54 -32.97
N GLY D 109 1.36 -4.60 -32.35
CA GLY D 109 1.99 -3.52 -33.08
C GLY D 109 0.94 -2.42 -33.22
N LEU D 110 -0.13 -2.52 -32.42
CA LEU D 110 -1.21 -1.52 -32.40
C LEU D 110 -1.19 -0.74 -31.09
N PRO D 111 -1.80 0.44 -31.07
CA PRO D 111 -1.80 1.26 -29.86
C PRO D 111 -2.47 0.51 -28.72
N ARG D 112 -2.16 0.84 -27.46
CA ARG D 112 -2.78 0.19 -26.31
C ARG D 112 -3.97 1.00 -25.85
N PRO D 113 -5.05 0.30 -25.48
CA PRO D 113 -6.21 1.02 -24.98
C PRO D 113 -5.74 2.04 -23.94
N SER D 114 -4.95 1.58 -22.99
CA SER D 114 -4.46 2.49 -21.96
C SER D 114 -3.76 3.72 -22.54
N ASP D 115 -3.50 3.71 -23.83
CA ASP D 115 -2.85 4.86 -24.45
C ASP D 115 -3.82 6.00 -24.69
N SER D 116 -5.07 5.80 -24.27
CA SER D 116 -6.05 6.86 -24.48
C SER D 116 -6.59 7.38 -23.16
N ASN D 117 -6.64 8.69 -23.05
CA ASN D 117 -7.17 9.32 -21.86
C ASN D 117 -8.42 8.59 -21.43
N ALA D 118 -9.35 8.33 -22.36
CA ALA D 118 -10.57 7.67 -21.93
C ALA D 118 -10.32 6.42 -21.11
N VAL D 119 -9.34 5.61 -21.53
CA VAL D 119 -9.08 4.37 -20.82
C VAL D 119 -8.20 4.60 -19.60
N SER D 120 -7.19 5.43 -19.78
CA SER D 120 -6.28 5.82 -18.71
C SER D 120 -7.04 6.33 -17.51
N LEU D 121 -7.84 7.38 -17.72
CA LEU D 121 -8.59 8.01 -16.65
C LEU D 121 -9.71 7.19 -16.04
N VAL D 122 -10.37 6.34 -16.81
CA VAL D 122 -11.48 5.57 -16.26
C VAL D 122 -10.88 4.55 -15.30
N MET D 123 -9.69 4.06 -15.64
CA MET D 123 -9.04 3.06 -14.80
C MET D 123 -8.79 3.74 -13.44
N ARG D 124 -8.11 4.87 -13.45
CA ARG D 124 -7.82 5.64 -12.23
C ARG D 124 -9.09 5.84 -11.45
N ARG D 125 -10.11 6.33 -12.13
CA ARG D 125 -11.39 6.57 -11.50
C ARG D 125 -12.04 5.34 -10.86
N ILE D 126 -12.00 4.21 -11.55
CA ILE D 126 -12.63 3.01 -11.00
C ILE D 126 -11.86 2.59 -9.74
N ARG D 127 -10.54 2.61 -9.84
CA ARG D 127 -9.68 2.25 -8.72
C ARG D 127 -9.98 3.16 -7.54
N LYS D 128 -9.88 4.47 -7.80
CA LYS D 128 -10.15 5.53 -6.84
C LYS D 128 -11.51 5.39 -6.19
N GLU D 129 -12.57 5.17 -6.97
CA GLU D 129 -13.91 5.01 -6.40
C GLU D 129 -14.08 3.69 -5.67
N ASN D 130 -13.34 2.67 -6.08
CA ASN D 130 -13.50 1.37 -5.44
C ASN D 130 -12.85 1.31 -4.06
N VAL D 131 -11.62 1.83 -3.99
CA VAL D 131 -10.89 1.89 -2.73
C VAL D 131 -11.64 2.80 -1.76
N ASP D 132 -12.01 3.99 -2.22
CA ASP D 132 -12.73 4.95 -1.37
C ASP D 132 -14.09 4.42 -0.96
N ALA D 133 -14.34 3.16 -1.20
CA ALA D 133 -15.60 2.58 -0.76
C ALA D 133 -15.17 1.38 0.06
N GLY D 134 -13.86 1.26 0.24
CA GLY D 134 -13.32 0.18 1.05
C GLY D 134 -12.31 -0.66 0.30
N GLU D 135 -12.80 -1.50 -0.58
CA GLU D 135 -11.97 -2.40 -1.35
C GLU D 135 -10.48 -2.34 -1.04
N ARG D 136 -9.96 -3.50 -0.64
CA ARG D 136 -8.54 -3.72 -0.41
C ARG D 136 -8.18 -5.13 -0.90
N ALA D 137 -7.16 -5.26 -1.74
CA ALA D 137 -6.81 -6.59 -2.23
C ALA D 137 -6.41 -7.42 -1.01
N LYS D 138 -6.88 -8.66 -0.95
CA LYS D 138 -6.60 -9.52 0.18
C LYS D 138 -5.36 -10.40 0.12
N GLN D 139 -4.97 -10.88 1.30
CA GLN D 139 -3.85 -11.79 1.48
C GLN D 139 -4.37 -13.05 2.19
N ALA D 140 -3.72 -14.17 1.93
CA ALA D 140 -4.16 -15.44 2.48
C ALA D 140 -4.01 -15.57 3.98
N LEU D 141 -4.93 -16.33 4.58
CA LEU D 141 -4.91 -16.66 6.00
C LEU D 141 -3.51 -17.18 6.27
N ALA D 142 -2.84 -16.62 7.28
CA ALA D 142 -1.49 -17.04 7.60
C ALA D 142 -1.41 -18.44 8.20
N PHE D 143 -0.29 -19.12 7.97
CA PHE D 143 -0.05 -20.44 8.53
C PHE D 143 1.31 -20.23 9.15
N GLU D 144 1.35 -20.05 10.47
CA GLU D 144 2.65 -19.81 11.10
C GLU D 144 3.16 -21.00 11.93
N ARG D 145 4.30 -20.82 12.59
CA ARG D 145 4.94 -21.87 13.37
C ARG D 145 3.97 -22.55 14.33
N THR D 146 3.09 -21.76 14.92
CA THR D 146 2.12 -22.34 15.84
C THR D 146 1.21 -23.36 15.15
N ASP D 147 0.61 -22.98 14.03
CA ASP D 147 -0.26 -23.88 13.28
C ASP D 147 0.56 -25.07 12.78
N PHE D 148 1.80 -24.83 12.40
CA PHE D 148 2.63 -25.93 11.95
C PHE D 148 2.86 -26.93 13.08
N ASP D 149 3.21 -26.39 14.25
CA ASP D 149 3.49 -27.20 15.45
C ASP D 149 2.26 -28.00 15.88
N GLN D 150 1.10 -27.36 15.85
CA GLN D 150 -0.13 -28.02 16.24
C GLN D 150 -0.52 -29.11 15.26
N VAL D 151 -0.54 -28.74 13.99
CA VAL D 151 -0.84 -29.69 12.91
C VAL D 151 0.10 -30.92 12.94
N ARG D 152 1.39 -30.66 13.09
CA ARG D 152 2.42 -31.69 13.15
C ARG D 152 2.25 -32.51 14.42
N SER D 153 1.89 -31.84 15.51
CA SER D 153 1.66 -32.51 16.79
C SER D 153 0.56 -33.55 16.62
N LEU D 154 -0.37 -33.28 15.71
CA LEU D 154 -1.46 -34.22 15.51
C LEU D 154 -1.23 -35.22 14.39
N MET D 155 -0.58 -34.77 13.32
CA MET D 155 -0.40 -35.65 12.17
C MET D 155 0.79 -36.60 12.28
N GLU D 156 1.81 -36.13 12.97
CA GLU D 156 3.03 -36.87 13.28
C GLU D 156 2.76 -38.35 13.53
N ASN D 157 1.72 -38.62 14.32
CA ASN D 157 1.40 -39.98 14.69
C ASN D 157 0.62 -40.79 13.68
N SER D 158 0.46 -40.27 12.47
CA SER D 158 -0.27 -41.06 11.50
C SER D 158 0.69 -41.87 10.67
N ASP D 159 0.23 -43.04 10.27
CA ASP D 159 1.08 -43.94 9.50
C ASP D 159 0.51 -44.01 8.09
N ARG D 160 -0.56 -43.25 7.88
CA ARG D 160 -1.21 -43.11 6.59
C ARG D 160 -0.31 -42.41 5.57
N CYS D 161 -0.33 -42.88 4.33
CA CYS D 161 0.51 -42.29 3.30
C CYS D 161 0.11 -40.85 3.06
N GLN D 162 -1.18 -40.61 2.90
CA GLN D 162 -1.72 -39.26 2.70
C GLN D 162 -1.19 -38.27 3.73
N ASP D 163 -1.32 -38.62 5.01
CA ASP D 163 -0.88 -37.80 6.14
C ASP D 163 0.61 -37.51 6.14
N ILE D 164 1.41 -38.54 5.95
CA ILE D 164 2.86 -38.36 5.91
C ILE D 164 3.27 -37.38 4.80
N ARG D 165 2.61 -37.50 3.66
CA ARG D 165 2.86 -36.64 2.51
C ARG D 165 2.52 -35.21 2.85
N ASN D 166 1.28 -35.03 3.29
CA ASN D 166 0.71 -33.75 3.66
C ASN D 166 1.44 -33.00 4.75
N LEU D 167 2.14 -33.71 5.61
CA LEU D 167 2.86 -33.06 6.70
C LEU D 167 4.22 -32.63 6.19
N ALA D 168 4.76 -33.42 5.26
CA ALA D 168 6.04 -33.14 4.62
C ALA D 168 5.84 -31.89 3.75
N PHE D 169 4.74 -31.88 3.01
CA PHE D 169 4.39 -30.73 2.19
C PHE D 169 4.29 -29.44 3.01
N LEU D 170 3.37 -29.41 3.97
CA LEU D 170 3.23 -28.25 4.83
C LEU D 170 4.57 -27.81 5.41
N GLY D 171 5.39 -28.76 5.83
CA GLY D 171 6.70 -28.49 6.41
C GLY D 171 7.60 -27.79 5.41
N ILE D 172 7.60 -28.28 4.17
CA ILE D 172 8.42 -27.67 3.12
C ILE D 172 7.88 -26.28 2.77
N ALA D 173 6.56 -26.16 2.69
CA ALA D 173 5.91 -24.89 2.38
C ALA D 173 6.28 -23.83 3.41
N TYR D 174 6.25 -24.19 4.70
CA TYR D 174 6.57 -23.23 5.78
C TYR D 174 8.07 -22.93 5.81
N ASN D 175 8.87 -23.99 5.79
CA ASN D 175 10.31 -23.83 5.86
C ASN D 175 10.88 -23.06 4.66
N THR D 176 10.54 -23.48 3.44
CA THR D 176 11.09 -22.86 2.25
C THR D 176 10.38 -21.63 1.69
N LEU D 177 9.13 -21.43 2.08
CA LEU D 177 8.30 -20.33 1.60
C LEU D 177 8.05 -20.38 0.08
N LEU D 178 8.34 -21.51 -0.54
CA LEU D 178 8.16 -21.63 -1.99
C LEU D 178 6.68 -21.58 -2.36
N ARG D 179 6.39 -21.11 -3.57
CA ARG D 179 5.02 -21.06 -4.05
C ARG D 179 4.64 -22.51 -4.35
N ILE D 180 3.35 -22.80 -4.29
CA ILE D 180 2.93 -24.16 -4.53
C ILE D 180 3.44 -24.74 -5.85
N ALA D 181 3.41 -23.97 -6.93
CA ALA D 181 3.87 -24.47 -8.25
C ALA D 181 5.35 -24.80 -8.28
N GLU D 182 6.13 -24.12 -7.44
CA GLU D 182 7.55 -24.41 -7.36
C GLU D 182 7.70 -25.72 -6.58
N ILE D 183 6.86 -25.91 -5.57
CA ILE D 183 6.90 -27.14 -4.77
C ILE D 183 6.51 -28.36 -5.60
N ALA D 184 5.46 -28.22 -6.43
CA ALA D 184 5.04 -29.30 -7.30
C ALA D 184 6.12 -29.66 -8.34
N ARG D 185 6.98 -28.70 -8.65
CA ARG D 185 8.03 -28.92 -9.63
C ARG D 185 9.28 -29.58 -9.07
N ILE D 186 9.38 -29.69 -7.76
CA ILE D 186 10.56 -30.31 -7.16
C ILE D 186 10.67 -31.73 -7.67
N ARG D 187 11.87 -32.13 -8.10
CA ARG D 187 12.04 -33.50 -8.55
C ARG D 187 13.03 -34.12 -7.57
N VAL D 188 12.96 -35.43 -7.37
CA VAL D 188 13.87 -36.09 -6.45
C VAL D 188 15.33 -35.72 -6.71
N LYS D 189 15.75 -35.74 -7.98
CA LYS D 189 17.13 -35.36 -8.29
C LYS D 189 17.52 -33.96 -7.81
N ASP D 190 16.53 -33.18 -7.37
CA ASP D 190 16.79 -31.81 -6.93
C ASP D 190 17.22 -31.73 -5.48
N ILE D 191 17.06 -32.84 -4.76
CA ILE D 191 17.40 -32.83 -3.35
C ILE D 191 18.83 -33.26 -3.06
N SER D 192 19.47 -32.54 -2.15
CA SER D 192 20.82 -32.85 -1.73
C SER D 192 20.95 -32.78 -0.22
N ARG D 193 22.19 -32.72 0.27
CA ARG D 193 22.44 -32.67 1.70
C ARG D 193 23.46 -31.62 2.10
N THR D 194 23.32 -31.01 3.27
CA THR D 194 24.29 -29.98 3.67
C THR D 194 25.61 -30.43 4.24
N ASP D 195 25.63 -31.60 4.90
CA ASP D 195 26.75 -32.18 5.66
C ASP D 195 26.24 -32.40 7.08
N GLY D 196 25.53 -31.41 7.60
CA GLY D 196 24.94 -31.48 8.93
C GLY D 196 23.80 -32.49 8.83
N GLY D 197 23.54 -32.92 7.60
CA GLY D 197 22.50 -33.88 7.30
C GLY D 197 21.23 -33.21 6.78
N ARG D 198 21.18 -31.88 6.83
CA ARG D 198 20.01 -31.11 6.37
C ARG D 198 19.75 -31.22 4.87
N MET D 199 18.50 -31.48 4.53
CA MET D 199 18.16 -31.56 3.11
C MET D 199 18.28 -30.19 2.40
N LEU D 200 18.72 -30.20 1.14
CA LEU D 200 18.86 -28.99 0.31
C LEU D 200 17.99 -29.15 -0.94
N ILE D 201 17.04 -28.24 -1.13
CA ILE D 201 16.18 -28.30 -2.30
C ILE D 201 16.56 -27.28 -3.36
N HIS D 202 16.91 -27.82 -4.52
CA HIS D 202 17.32 -26.98 -5.61
C HIS D 202 16.13 -26.44 -6.38
N ILE D 203 16.04 -25.12 -6.48
CA ILE D 203 14.92 -24.52 -7.20
C ILE D 203 15.32 -23.90 -8.54
N GLY D 204 14.70 -24.39 -9.62
CA GLY D 204 14.94 -23.86 -10.96
C GLY D 204 14.16 -22.55 -11.16
N ARG D 205 12.98 -22.63 -11.78
CA ARG D 205 12.16 -21.43 -12.03
C ARG D 205 11.12 -21.03 -10.97
N THR D 206 10.92 -19.72 -10.79
CA THR D 206 9.93 -19.18 -9.84
C THR D 206 9.05 -18.15 -10.55
N LYS D 207 8.16 -17.46 -9.84
CA LYS D 207 7.38 -16.48 -10.55
C LYS D 207 8.26 -15.29 -10.83
N THR D 208 9.15 -15.05 -9.90
CA THR D 208 10.06 -13.94 -10.05
C THR D 208 11.36 -14.29 -10.86
N LEU D 209 11.76 -15.57 -11.09
CA LEU D 209 13.01 -15.90 -11.85
C LEU D 209 13.12 -17.23 -12.66
N VAL D 210 13.77 -17.16 -13.82
CA VAL D 210 13.97 -18.30 -14.74
C VAL D 210 15.46 -18.35 -15.16
N SER D 211 16.27 -18.84 -14.23
CA SER D 211 17.73 -18.95 -14.39
C SER D 211 18.33 -20.34 -14.17
N THR D 212 19.55 -20.54 -14.69
CA THR D 212 20.27 -21.81 -14.57
C THR D 212 21.03 -21.89 -13.27
N ALA D 213 21.22 -20.74 -12.62
CA ALA D 213 21.91 -20.67 -11.35
C ALA D 213 20.81 -21.14 -10.42
N GLY D 214 19.97 -20.24 -9.96
CA GLY D 214 18.88 -20.72 -9.14
C GLY D 214 19.21 -20.82 -7.66
N VAL D 215 18.21 -21.22 -6.90
CA VAL D 215 18.30 -21.31 -5.45
C VAL D 215 18.51 -22.67 -4.82
N GLU D 216 18.92 -22.64 -3.57
CA GLU D 216 19.10 -23.86 -2.80
C GLU D 216 18.34 -23.70 -1.50
N LYS D 217 17.11 -24.16 -1.50
CA LYS D 217 16.27 -24.05 -0.33
C LYS D 217 16.63 -25.16 0.65
N ALA D 218 17.04 -24.75 1.86
CA ALA D 218 17.43 -25.69 2.89
C ALA D 218 16.28 -26.00 3.85
N LEU D 219 16.31 -27.19 4.44
CA LEU D 219 15.29 -27.62 5.40
C LEU D 219 15.91 -27.87 6.78
N SER D 220 15.12 -27.62 7.81
CA SER D 220 15.57 -27.85 9.19
C SER D 220 15.68 -29.37 9.41
N LEU D 221 16.50 -29.79 10.37
CA LEU D 221 16.62 -31.21 10.66
C LEU D 221 15.25 -31.90 10.83
N GLY D 222 14.34 -31.25 11.55
CA GLY D 222 13.02 -31.81 11.76
C GLY D 222 12.20 -31.95 10.46
N VAL D 223 12.26 -30.94 9.59
CA VAL D 223 11.52 -30.95 8.31
C VAL D 223 12.09 -32.02 7.34
N THR D 224 13.42 -32.21 7.38
CA THR D 224 14.11 -33.20 6.57
C THR D 224 13.56 -34.55 6.97
N LYS D 225 13.53 -34.78 8.29
CA LYS D 225 13.03 -36.03 8.81
C LYS D 225 11.71 -36.28 8.12
N LEU D 226 10.82 -35.30 8.28
CA LEU D 226 9.46 -35.33 7.73
C LEU D 226 9.46 -35.72 6.27
N VAL D 227 10.34 -35.08 5.52
CA VAL D 227 10.45 -35.31 4.09
C VAL D 227 10.92 -36.74 3.89
N GLU D 228 11.99 -37.06 4.59
CA GLU D 228 12.62 -38.39 4.57
C GLU D 228 11.54 -39.44 4.80
N ARG D 229 10.68 -39.22 5.78
CA ARG D 229 9.63 -40.21 5.97
C ARG D 229 8.73 -40.37 4.75
N TRP D 230 8.43 -39.28 4.05
CA TRP D 230 7.57 -39.32 2.87
C TRP D 230 8.24 -40.04 1.69
N ILE D 231 9.50 -39.70 1.42
CA ILE D 231 10.20 -40.35 0.31
C ILE D 231 10.18 -41.85 0.53
N SER D 232 10.44 -42.26 1.77
CA SER D 232 10.47 -43.66 2.15
C SER D 232 9.16 -44.46 1.92
N VAL D 233 8.05 -44.05 2.53
CA VAL D 233 6.76 -44.74 2.41
C VAL D 233 6.19 -44.67 0.99
N SER D 234 6.67 -43.70 0.22
CA SER D 234 6.18 -43.49 -1.14
C SER D 234 7.00 -44.17 -2.26
N GLY D 235 8.30 -44.32 -2.05
CA GLY D 235 9.14 -44.91 -3.09
C GLY D 235 9.23 -43.96 -4.28
N VAL D 236 9.37 -42.68 -4.01
CA VAL D 236 9.46 -41.75 -5.13
C VAL D 236 10.91 -41.72 -5.51
N ALA D 237 11.77 -41.87 -4.51
CA ALA D 237 13.21 -41.87 -4.72
C ALA D 237 13.62 -42.97 -5.70
N ASP D 238 12.65 -43.75 -6.16
CA ASP D 238 12.86 -44.83 -7.10
C ASP D 238 13.58 -44.40 -8.35
N ASP D 239 13.07 -43.30 -8.89
CA ASP D 239 13.61 -42.58 -10.05
C ASP D 239 14.00 -41.12 -9.60
N PRO D 240 15.27 -40.68 -9.81
CA PRO D 240 15.71 -39.33 -9.38
C PRO D 240 14.98 -38.20 -10.06
N ASN D 241 14.53 -38.60 -11.22
CA ASN D 241 13.81 -37.75 -12.12
C ASN D 241 12.31 -37.69 -11.82
N ASN D 242 11.95 -38.35 -10.72
CA ASN D 242 10.58 -38.38 -10.23
C ASN D 242 10.24 -37.11 -9.43
N TYR D 243 8.98 -36.67 -9.51
CA TYR D 243 8.53 -35.49 -8.76
C TYR D 243 8.45 -35.87 -7.29
N LEU D 244 8.96 -35.01 -6.41
CA LEU D 244 8.93 -35.26 -4.97
C LEU D 244 7.54 -35.59 -4.44
N PHE D 245 6.53 -34.90 -4.97
CA PHE D 245 5.15 -35.11 -4.53
C PHE D 245 4.25 -35.66 -5.62
N CYS D 246 3.39 -36.62 -5.28
CA CYS D 246 2.51 -37.26 -6.27
C CYS D 246 1.21 -37.64 -5.62
N ARG D 247 0.26 -38.13 -6.42
CA ARG D 247 -1.02 -38.58 -5.87
C ARG D 247 -0.84 -39.75 -4.90
N VAL D 248 -1.86 -39.97 -4.08
CA VAL D 248 -1.83 -41.07 -3.14
C VAL D 248 -3.27 -41.49 -3.09
N ARG D 249 -3.52 -42.66 -3.66
CA ARG D 249 -4.88 -43.14 -3.77
C ARG D 249 -5.54 -43.64 -2.50
N LYS D 250 -6.88 -43.76 -2.55
CA LYS D 250 -7.64 -44.18 -1.38
C LYS D 250 -7.01 -45.37 -0.66
N ASN D 251 -6.47 -46.31 -1.44
CA ASN D 251 -5.85 -47.49 -0.87
C ASN D 251 -4.53 -47.24 -0.12
N GLY D 252 -4.10 -45.98 -0.11
CA GLY D 252 -2.88 -45.60 0.59
C GLY D 252 -1.63 -45.77 -0.26
N VAL D 253 -1.80 -46.27 -1.47
CA VAL D 253 -0.68 -46.46 -2.38
C VAL D 253 -0.34 -45.18 -3.13
N ALA D 254 0.89 -44.72 -2.97
CA ALA D 254 1.35 -43.53 -3.68
C ALA D 254 1.36 -43.85 -5.18
N ALA D 255 1.68 -42.89 -6.03
CA ALA D 255 1.67 -43.12 -7.46
C ALA D 255 2.69 -42.22 -8.10
N PRO D 256 3.96 -42.50 -7.86
CA PRO D 256 5.05 -41.68 -8.37
C PRO D 256 4.99 -41.45 -9.85
N SER D 257 5.61 -40.35 -10.29
CA SER D 257 5.62 -40.00 -11.69
C SER D 257 6.72 -39.02 -12.00
N ALA D 258 7.31 -39.11 -13.19
CA ALA D 258 8.33 -38.14 -13.57
C ALA D 258 7.76 -37.28 -14.70
N THR D 259 6.50 -37.51 -15.03
CA THR D 259 5.83 -36.75 -16.08
C THR D 259 4.64 -35.92 -15.60
N SER D 260 3.92 -36.40 -14.59
CA SER D 260 2.81 -35.64 -14.02
C SER D 260 3.11 -35.18 -12.59
N GLN D 261 2.84 -33.89 -12.34
CA GLN D 261 3.07 -33.30 -11.04
C GLN D 261 1.79 -33.46 -10.24
N LEU D 262 1.89 -33.29 -8.93
CA LEU D 262 0.66 -33.32 -8.13
C LEU D 262 0.16 -31.89 -8.38
N SER D 263 -1.09 -31.75 -8.84
CA SER D 263 -1.58 -30.41 -9.15
C SER D 263 -1.50 -29.45 -7.99
N THR D 264 -1.33 -28.17 -8.32
CA THR D 264 -1.24 -27.10 -7.34
C THR D 264 -2.63 -27.00 -6.75
N ARG D 265 -3.61 -27.45 -7.50
CA ARG D 265 -4.99 -27.45 -7.03
C ARG D 265 -5.16 -28.41 -5.83
N ALA D 266 -4.45 -29.54 -5.88
CA ALA D 266 -4.48 -30.54 -4.83
C ALA D 266 -3.67 -29.99 -3.66
N LEU D 267 -2.51 -29.41 -3.95
CA LEU D 267 -1.69 -28.81 -2.89
C LEU D 267 -2.54 -27.81 -2.14
N GLU D 268 -3.37 -27.08 -2.89
CA GLU D 268 -4.22 -26.11 -2.26
C GLU D 268 -5.18 -26.87 -1.35
N GLY D 269 -5.65 -28.03 -1.80
CA GLY D 269 -6.56 -28.89 -1.02
C GLY D 269 -5.94 -29.39 0.29
N ILE D 270 -4.65 -29.70 0.28
CA ILE D 270 -3.97 -30.13 1.51
C ILE D 270 -4.19 -29.05 2.55
N PHE D 271 -3.82 -27.80 2.23
CA PHE D 271 -3.96 -26.63 3.12
C PHE D 271 -5.40 -26.48 3.66
N GLU D 272 -6.37 -26.65 2.77
CA GLU D 272 -7.78 -26.54 3.13
C GLU D 272 -8.20 -27.67 4.05
N ALA D 273 -7.81 -28.89 3.71
CA ALA D 273 -8.14 -30.07 4.51
C ALA D 273 -7.52 -29.99 5.92
N THR D 274 -6.24 -29.62 5.98
CA THR D 274 -5.53 -29.47 7.25
C THR D 274 -6.23 -28.44 8.14
N HIS D 275 -6.77 -27.39 7.53
CA HIS D 275 -7.47 -26.32 8.23
C HIS D 275 -8.84 -26.83 8.66
N ARG D 276 -9.45 -27.69 7.85
CA ARG D 276 -10.77 -28.21 8.15
C ARG D 276 -10.64 -29.18 9.32
N LEU D 277 -9.50 -29.85 9.35
CA LEU D 277 -9.18 -30.81 10.42
C LEU D 277 -9.20 -30.14 11.78
N ILE D 278 -8.49 -29.03 11.89
CA ILE D 278 -8.39 -28.29 13.14
C ILE D 278 -9.55 -27.38 13.50
N TYR D 279 -10.07 -26.63 12.52
CA TYR D 279 -11.13 -25.67 12.78
C TYR D 279 -12.50 -26.01 12.28
N GLY D 280 -12.64 -27.13 11.59
CA GLY D 280 -13.95 -27.55 11.09
C GLY D 280 -14.27 -26.91 9.75
N ALA D 281 -15.49 -27.18 9.27
CA ALA D 281 -15.95 -26.70 7.97
C ALA D 281 -16.10 -25.19 7.95
N LYS D 282 -15.90 -24.60 6.77
CA LYS D 282 -15.97 -23.15 6.65
C LYS D 282 -17.31 -22.49 6.43
N ASP D 283 -17.32 -21.20 6.73
CA ASP D 283 -18.45 -20.27 6.58
C ASP D 283 -19.33 -20.59 5.38
N ASP D 284 -20.39 -19.82 5.23
CA ASP D 284 -21.30 -19.97 4.10
C ASP D 284 -21.24 -18.65 3.34
N SER D 285 -20.45 -17.72 3.89
CA SER D 285 -20.28 -16.42 3.29
C SER D 285 -19.91 -16.44 1.80
N GLY D 286 -19.09 -17.41 1.42
CA GLY D 286 -18.64 -17.50 0.04
C GLY D 286 -17.40 -16.63 -0.13
N GLN D 287 -16.86 -16.12 0.98
CA GLN D 287 -15.66 -15.28 0.93
C GLN D 287 -14.41 -16.12 0.74
N ARG D 288 -13.32 -15.48 0.32
CA ARG D 288 -12.08 -16.19 0.11
C ARG D 288 -11.25 -16.13 1.39
N TYR D 289 -10.37 -17.11 1.54
CA TYR D 289 -9.44 -17.13 2.66
C TYR D 289 -10.08 -17.45 4.00
N LEU D 290 -11.14 -18.25 3.95
CA LEU D 290 -11.79 -18.70 5.17
C LEU D 290 -10.89 -19.79 5.78
N ALA D 291 -10.13 -20.49 4.93
CA ALA D 291 -9.20 -21.53 5.37
C ALA D 291 -7.83 -21.24 4.78
N TRP D 292 -6.82 -22.01 5.17
CA TRP D 292 -5.49 -21.85 4.60
C TRP D 292 -5.52 -22.21 3.10
N SER D 293 -4.57 -21.67 2.35
CA SER D 293 -4.51 -21.88 0.91
C SER D 293 -3.04 -21.86 0.48
N GLY D 294 -2.79 -22.08 -0.80
CA GLY D 294 -1.44 -22.10 -1.35
C GLY D 294 -0.44 -21.08 -0.81
N HIS D 295 -0.86 -19.86 -0.53
CA HIS D 295 0.11 -18.88 -0.07
C HIS D 295 0.17 -18.63 1.44
N SER D 296 -0.61 -19.41 2.19
CA SER D 296 -0.71 -19.30 3.64
C SER D 296 0.56 -19.39 4.47
N ALA D 297 1.46 -20.28 4.07
CA ALA D 297 2.71 -20.46 4.79
C ALA D 297 3.79 -19.43 4.47
N ARG D 298 3.67 -18.81 3.29
CA ARG D 298 4.60 -17.78 2.80
C ARG D 298 4.31 -16.52 3.59
N VAL D 299 3.04 -16.19 3.70
CA VAL D 299 2.64 -15.03 4.47
C VAL D 299 3.09 -15.32 5.90
N GLY D 300 2.57 -16.43 6.45
CA GLY D 300 2.86 -16.89 7.81
C GLY D 300 4.33 -16.93 8.22
N ALA D 301 5.19 -17.44 7.34
CA ALA D 301 6.62 -17.50 7.64
C ALA D 301 7.20 -16.10 7.63
N ALA D 302 6.99 -15.39 6.53
CA ALA D 302 7.50 -14.02 6.38
C ALA D 302 7.28 -13.37 7.73
N ARG D 303 6.03 -13.41 8.16
CA ARG D 303 5.66 -12.84 9.43
C ARG D 303 6.53 -13.36 10.55
N ASP D 304 6.31 -14.60 10.98
CA ASP D 304 7.11 -15.17 12.07
C ASP D 304 8.55 -14.63 12.11
N MET D 305 9.14 -14.41 10.95
CA MET D 305 10.51 -13.91 10.83
C MET D 305 10.62 -12.47 11.34
N ALA D 306 9.65 -11.64 10.98
CA ALA D 306 9.63 -10.26 11.43
C ALA D 306 9.73 -10.34 12.94
N ARG D 307 8.70 -10.83 13.61
CA ARG D 307 8.75 -10.95 15.06
C ARG D 307 10.05 -11.44 15.69
N ALA D 308 10.60 -12.53 15.17
CA ALA D 308 11.81 -13.15 15.71
C ALA D 308 12.92 -12.11 15.82
N GLY D 309 12.76 -11.08 15.00
CA GLY D 309 13.71 -9.98 14.93
C GLY D 309 14.54 -10.19 13.67
N VAL D 310 14.13 -11.13 12.83
CA VAL D 310 14.88 -11.37 11.60
C VAL D 310 14.97 -10.06 10.80
N SER D 311 16.09 -9.89 10.09
CA SER D 311 16.32 -8.69 9.32
C SER D 311 15.53 -8.73 8.03
N ILE D 312 14.85 -7.62 7.73
CA ILE D 312 14.07 -7.52 6.51
C ILE D 312 14.92 -8.07 5.38
N PRO D 313 16.17 -7.64 5.32
CA PRO D 313 17.07 -8.12 4.27
C PRO D 313 17.12 -9.64 4.27
N GLU D 314 16.86 -10.22 5.44
CA GLU D 314 16.88 -11.66 5.64
C GLU D 314 15.51 -12.28 5.37
N ILE D 315 14.47 -11.63 5.89
CA ILE D 315 13.13 -12.08 5.64
C ILE D 315 13.00 -12.16 4.12
N MET D 316 13.68 -11.24 3.43
CA MET D 316 13.65 -11.17 1.97
C MET D 316 14.31 -12.32 1.20
N GLN D 317 15.49 -12.76 1.60
CA GLN D 317 16.13 -13.88 0.89
C GLN D 317 15.30 -15.14 1.09
N ALA D 318 14.71 -15.29 2.27
CA ALA D 318 13.87 -16.44 2.60
C ALA D 318 12.77 -16.63 1.56
N GLY D 319 12.07 -15.54 1.25
CA GLY D 319 10.99 -15.55 0.26
C GLY D 319 11.48 -15.36 -1.17
N GLY D 320 12.76 -15.08 -1.35
CA GLY D 320 13.33 -14.90 -2.69
C GLY D 320 12.96 -13.59 -3.38
N TRP D 321 12.44 -12.65 -2.60
CA TRP D 321 12.01 -11.34 -3.09
C TRP D 321 13.17 -10.41 -3.41
N THR D 322 13.20 -9.81 -4.60
CA THR D 322 14.26 -8.86 -4.88
C THR D 322 13.82 -7.44 -4.48
N ASN D 323 12.77 -7.34 -3.65
CA ASN D 323 12.26 -6.03 -3.22
C ASN D 323 11.60 -6.01 -1.82
N VAL D 324 11.12 -4.85 -1.33
CA VAL D 324 10.55 -4.75 0.03
C VAL D 324 9.08 -4.56 0.38
N ASN D 325 8.21 -4.36 -0.60
CA ASN D 325 6.78 -4.10 -0.35
C ASN D 325 5.85 -5.24 0.12
N ILE D 326 5.73 -6.30 -0.68
CA ILE D 326 4.88 -7.44 -0.31
C ILE D 326 5.26 -7.73 1.12
N VAL D 327 6.56 -7.97 1.25
CA VAL D 327 7.20 -8.28 2.50
C VAL D 327 6.64 -7.33 3.54
N MET D 328 6.68 -6.05 3.21
CA MET D 328 6.18 -5.04 4.12
C MET D 328 4.71 -5.33 4.42
N ASN D 329 3.92 -5.59 3.38
CA ASN D 329 2.49 -5.84 3.53
C ASN D 329 2.08 -6.91 4.54
N TYR D 330 2.71 -8.07 4.44
CA TYR D 330 2.44 -9.23 5.30
C TYR D 330 2.55 -9.23 6.85
N ILE D 331 3.20 -8.25 7.49
CA ILE D 331 3.37 -8.33 8.95
C ILE D 331 2.63 -7.45 9.96
N ARG D 332 2.21 -6.26 9.53
CA ARG D 332 1.59 -5.16 10.30
C ARG D 332 0.39 -5.15 11.27
N ASN D 333 0.06 -3.95 11.80
CA ASN D 333 -1.04 -3.62 12.76
C ASN D 333 -2.46 -3.88 12.22
N LEU D 334 -2.79 -3.19 11.14
CA LEU D 334 -3.99 -3.35 10.32
C LEU D 334 -5.02 -4.39 10.76
N GLY D 339 0.08 0.23 21.79
CA GLY D 339 1.33 -0.23 21.18
C GLY D 339 2.56 0.45 21.74
N ALA D 340 3.47 0.80 20.82
CA ALA D 340 4.71 1.45 21.17
C ALA D 340 4.43 2.80 21.81
N MET D 341 3.46 3.55 21.26
CA MET D 341 3.16 4.90 21.76
C MET D 341 2.46 4.88 23.10
N VAL D 342 1.98 3.69 23.45
CA VAL D 342 1.31 3.48 24.71
C VAL D 342 2.21 3.02 25.87
N ARG D 343 3.49 3.36 25.83
CA ARG D 343 4.41 2.98 26.90
C ARG D 343 5.20 4.25 27.19
N LEU D 344 5.47 4.99 26.12
CA LEU D 344 6.13 6.28 26.25
C LEU D 344 5.06 6.92 27.12
N LEU D 345 3.88 7.10 26.53
CA LEU D 345 2.80 7.67 27.32
C LEU D 345 2.58 6.95 28.64
N GLU D 346 2.25 5.66 28.58
CA GLU D 346 2.01 4.86 29.77
C GLU D 346 3.13 4.96 30.81
N ASP D 347 4.37 4.99 30.33
CA ASP D 347 5.54 5.09 31.19
C ASP D 347 5.99 3.79 31.86
#